data_7T2H
#
_entry.id   7T2H
#
_cell.length_a   1.00
_cell.length_b   1.00
_cell.length_c   1.00
_cell.angle_alpha   90.00
_cell.angle_beta   90.00
_cell.angle_gamma   90.00
#
_symmetry.space_group_name_H-M   'P 1'
#
loop_
_entity.id
_entity.type
_entity.pdbx_description
1 polymer 'Guanine nucleotide-binding protein G(i) subunit alpha-1'
2 polymer 'Guanine nucleotide-binding protein G(I)/G(S)/G(T) subunit beta-1'
3 polymer 'Guanine nucleotide-binding protein G(I)/G(S)/G(O) subunit gamma-2'
4 polymer scFv16
5 polymer 'Mu-type opioid receptor'
6 non-polymer Lofentanil
#
loop_
_entity_poly.entity_id
_entity_poly.type
_entity_poly.pdbx_seq_one_letter_code
_entity_poly.pdbx_strand_id
1 'polypeptide(L)'
;MGCTLSAEDKAAVERSKMIDRNLREDGEKAAREVKLLLLGAGESGKSTIVKQMKIIHEAGYSEEECKQYKAVVYSNTIQS
IIAIIRAMGRLKIDFGDSARADDARQLFVLAGAAEEGFMTAELAGVIKRLWKDSGVQACFNRSREYQLNDSAAYYLNDLD
RIAQPNYIPTQQDVLRTRVKTTGIVETHFTFKDLHFKMFDVGGQRSERKKWIHCFEGVTAIIFCVALSDYDLVLAEDEEM
NRMHESMKLFDSICNNKWFTDTSIILFLNKKDLFEEKIKKSPLTICYPEYAGSNTYEEAAAYIQCQFEDLNKRKDTKEIY
THFTCATDTKNVQFVFDAVTDVIIKNNLKDCGLF
;
A
2 'polypeptide(L)'
;PGSSGSELDQLRQEAEQLKNQIRDARKACADATLSQITNNIDPVGRIQMRTRRTLRGHLAKIYAMHWGTDSRLLVSASQD
GKLIIWDSYTTNKVHAIPLRSSWVMTCAYAPSGNYVACGGLDNICSIYNLKTREGNVRVSRELAGHTGYLSCCRFLDDNQ
IVTSSGDTTCALWDIETGQQTTTFTGHTGDVMSLSLAPDTRLFVSGACDASAKLWDVREGMCRQTFTGHESDINAICFFP
NGNAFATGSDDATCRLFDLRADQELMTYSHDNIICGITSVSFSKSGRLLLAGYDDFNCNVWDALKADRAGVLAGHDNRVS
CLGVTDDGMAVATGSWDSFLKIWN
;
B
3 'polypeptide(L)' MASNNTASIAQARKLVEQLKMEANIDRIKVSKAAADLMAYCEAHAKEDPLLTPVPASENPFREKKFFCAIL C
4 'polypeptide(L)'
;DVQLVESGGGLVQPGGSRKLSCSASGFAFSSFGMHWVRQAPEKGLEWVAYISSGSGTIYYADTVKGRFTISRDDPKNTLF
LQMTSLRSEDTAMYYCVRSIYYYGSSPFDFWGQGTTLTVSSGGGGSGGGGSGGGGSDIVMTQATSSVPVTPGESVSISCR
SSKSLLHSNGNTYLYWFLQRPGQSPQLLIYRMSNLASGVPDRFSGSGSGTAFTLTISRLEAEDVGVYYCMQHLEYPLTFG
AGTKLELKAAAHHHHHHHH
;
E
5 'polypeptide(L)'
;NISDCSDPLAPASCSPAPGSWLNLSHVDGNQSDPCGPNRTGLGENLYFQGSHSLCPQTGSPSMVTAITIMALYSIVCVVG
LFGNFLVMYVIVRYTKMKTATNIYIFNLALADALATSTLPFQSVNYLMGTWPFGNILCKIVISIDYYNMFTSIFTLCTMS
VDRYIAVCHPVKALDFRTPRNAKIVNVCNWILSSAIGLPVMFMATTKYRQGSIDCTLTFSHPTWYWENLLKICVFIFAFI
MPVLIITVCYGLMILRLKSVRMLSGSKEKDRNLRRITRMVLVVVAVFIVCWTPIHIYVIIKALITIPETTFQTVSWHFCI
ALGYTNSCLNPVLYAFLDENFKRCFREFCIPTSSTI
;
D
#
loop_
_chem_comp.id
_chem_comp.type
_chem_comp.name
_chem_comp.formula
EID non-polymer Lofentanil 'C25 H32 N2 O3'
#
# COMPACT_ATOMS: atom_id res chain seq x y z
N LEU A 5 -26.91 9.45 -4.63
CA LEU A 5 -25.73 8.86 -4.02
C LEU A 5 -24.50 9.73 -4.25
N SER A 6 -23.60 9.77 -3.26
CA SER A 6 -22.35 10.52 -3.34
C SER A 6 -22.61 12.00 -3.61
N ALA A 7 -23.24 12.65 -2.63
CA ALA A 7 -23.55 14.08 -2.76
C ALA A 7 -22.31 14.93 -2.57
N GLU A 8 -21.74 14.89 -1.37
CA GLU A 8 -20.44 15.50 -1.08
C GLU A 8 -19.32 14.47 -1.07
N ASP A 9 -19.66 13.18 -1.17
CA ASP A 9 -18.68 12.11 -1.21
C ASP A 9 -18.01 11.99 -2.58
N LYS A 10 -18.51 12.68 -3.60
CA LYS A 10 -17.81 12.69 -4.89
C LYS A 10 -16.46 13.39 -4.75
N ALA A 11 -16.43 14.52 -4.04
CA ALA A 11 -15.17 15.22 -3.83
C ALA A 11 -14.27 14.44 -2.89
N ALA A 12 -14.84 13.68 -1.95
CA ALA A 12 -14.02 12.82 -1.11
C ALA A 12 -13.38 11.71 -1.92
N VAL A 13 -14.14 11.09 -2.83
CA VAL A 13 -13.57 10.08 -3.72
C VAL A 13 -12.50 10.69 -4.61
N GLU A 14 -12.71 11.92 -5.05
CA GLU A 14 -11.71 12.58 -5.88
C GLU A 14 -10.42 12.85 -5.10
N ARG A 15 -10.54 13.28 -3.84
CA ARG A 15 -9.35 13.49 -3.02
C ARG A 15 -8.64 12.17 -2.74
N SER A 16 -9.41 11.10 -2.50
CA SER A 16 -8.81 9.79 -2.32
C SER A 16 -8.05 9.35 -3.57
N LYS A 17 -8.62 9.59 -4.75
CA LYS A 17 -7.93 9.23 -5.99
C LYS A 17 -6.71 10.10 -6.22
N MET A 18 -6.76 11.37 -5.81
CA MET A 18 -5.60 12.24 -5.96
C MET A 18 -4.44 11.78 -5.08
N ILE A 19 -4.72 11.48 -3.82
CA ILE A 19 -3.63 11.02 -2.97
C ILE A 19 -3.23 9.59 -3.30
N ASP A 20 -4.12 8.82 -3.95
CA ASP A 20 -3.71 7.51 -4.46
C ASP A 20 -2.75 7.66 -5.63
N ARG A 21 -3.00 8.63 -6.51
CA ARG A 21 -2.05 8.94 -7.57
C ARG A 21 -0.73 9.41 -7.00
N ASN A 22 -0.77 10.21 -5.93
CA ASN A 22 0.46 10.63 -5.27
C ASN A 22 1.20 9.45 -4.65
N LEU A 23 0.47 8.49 -4.09
CA LEU A 23 1.10 7.29 -3.55
C LEU A 23 1.77 6.48 -4.65
N ARG A 24 1.06 6.30 -5.78
CA ARG A 24 1.64 5.56 -6.90
C ARG A 24 2.86 6.28 -7.46
N GLU A 25 2.84 7.61 -7.46
CA GLU A 25 3.97 8.37 -7.98
C GLU A 25 5.16 8.34 -7.04
N ASP A 26 4.92 8.32 -5.73
CA ASP A 26 6.00 8.24 -4.76
C ASP A 26 6.51 6.81 -4.58
N GLY A 27 5.73 5.81 -5.02
CA GLY A 27 6.19 4.44 -4.95
C GLY A 27 7.04 4.01 -6.12
N GLU A 28 6.95 4.72 -7.25
CA GLU A 28 7.87 4.46 -8.36
C GLU A 28 9.21 5.12 -8.14
N LYS A 29 9.25 6.23 -7.40
CA LYS A 29 10.51 6.87 -7.08
C LYS A 29 11.33 6.04 -6.10
N ALA A 30 10.67 5.30 -5.21
CA ALA A 30 11.35 4.42 -4.27
C ALA A 30 11.57 3.03 -4.82
N ALA A 31 11.12 2.76 -6.04
CA ALA A 31 11.41 1.48 -6.68
C ALA A 31 12.63 1.54 -7.58
N ARG A 32 12.96 2.71 -8.13
CA ARG A 32 14.18 2.89 -8.91
C ARG A 32 15.40 3.13 -8.04
N GLU A 33 15.28 2.97 -6.73
CA GLU A 33 16.39 3.12 -5.81
C GLU A 33 16.91 1.76 -5.39
N VAL A 34 18.21 1.68 -5.13
CA VAL A 34 18.85 0.45 -4.69
C VAL A 34 19.08 0.57 -3.19
N LYS A 35 18.46 -0.33 -2.43
CA LYS A 35 18.61 -0.37 -0.99
C LYS A 35 19.62 -1.44 -0.62
N LEU A 36 20.59 -1.06 0.20
CA LEU A 36 21.59 -1.98 0.71
C LEU A 36 21.33 -2.21 2.20
N LEU A 37 22.22 -2.95 2.85
CA LEU A 37 22.11 -3.17 4.29
C LEU A 37 23.53 -3.37 4.82
N LEU A 38 24.10 -2.31 5.38
CA LEU A 38 25.48 -2.35 5.86
C LEU A 38 25.51 -3.01 7.23
N LEU A 39 25.89 -4.27 7.27
CA LEU A 39 26.08 -5.01 8.50
C LEU A 39 27.57 -5.09 8.84
N GLY A 40 27.91 -5.88 9.83
CA GLY A 40 29.28 -6.07 10.24
C GLY A 40 29.40 -6.06 11.74
N ALA A 41 30.36 -6.83 12.26
CA ALA A 41 30.60 -6.88 13.69
C ALA A 41 31.15 -5.54 14.20
N GLY A 42 31.27 -5.43 15.51
CA GLY A 42 31.75 -4.20 16.10
C GLY A 42 33.19 -3.92 15.74
N GLU A 43 33.54 -2.63 15.80
CA GLU A 43 34.89 -2.13 15.53
C GLU A 43 35.38 -2.49 14.14
N SER A 44 34.47 -2.75 13.20
CA SER A 44 34.83 -3.04 11.83
C SER A 44 35.05 -1.73 11.06
N GLY A 45 35.43 -1.85 9.80
CA GLY A 45 35.66 -0.69 8.98
C GLY A 45 34.40 -0.16 8.32
N LYS A 46 33.24 -0.55 8.87
CA LYS A 46 31.96 -0.14 8.29
C LYS A 46 31.75 1.37 8.35
N SER A 47 32.41 2.07 9.29
CA SER A 47 32.30 3.52 9.35
C SER A 47 33.17 4.22 8.32
N THR A 48 34.10 3.51 7.68
CA THR A 48 34.93 4.08 6.63
C THR A 48 34.39 3.86 5.24
N ILE A 49 33.67 2.75 5.02
CA ILE A 49 33.10 2.49 3.70
C ILE A 49 31.99 3.50 3.39
N VAL A 50 31.27 3.95 4.43
CA VAL A 50 30.29 5.01 4.23
C VAL A 50 30.95 6.27 3.71
N LYS A 51 32.20 6.51 4.11
CA LYS A 51 32.96 7.65 3.60
C LYS A 51 33.60 7.35 2.25
N GLN A 52 33.87 6.08 1.95
CA GLN A 52 34.37 5.72 0.62
C GLN A 52 33.31 5.96 -0.44
N MET A 53 32.04 5.92 -0.06
CA MET A 53 30.96 6.30 -0.96
C MET A 53 30.82 7.82 -0.99
N LYS A 54 29.86 8.31 -1.77
CA LYS A 54 29.65 9.75 -1.85
C LYS A 54 28.99 10.32 -0.61
N ILE A 55 28.23 9.50 0.12
CA ILE A 55 27.55 9.91 1.35
C ILE A 55 26.70 11.17 1.14
N THR A 182 18.04 7.76 16.17
CA THR A 182 19.42 7.31 16.11
C THR A 182 19.50 5.80 15.99
N GLY A 183 18.38 5.17 15.66
CA GLY A 183 18.34 3.73 15.52
C GLY A 183 19.15 3.24 14.35
N ILE A 184 18.70 3.56 13.13
CA ILE A 184 19.46 3.27 11.93
C ILE A 184 19.62 4.56 11.14
N VAL A 185 20.73 4.67 10.43
CA VAL A 185 21.09 5.90 9.72
C VAL A 185 21.18 5.59 8.23
N GLU A 186 20.20 6.06 7.47
CA GLU A 186 20.23 5.92 6.03
C GLU A 186 21.27 6.85 5.43
N THR A 187 21.86 6.42 4.31
CA THR A 187 22.92 7.18 3.64
C THR A 187 22.63 7.14 2.15
N HIS A 188 22.05 8.21 1.63
CA HIS A 188 21.64 8.28 0.23
C HIS A 188 22.77 8.88 -0.61
N PHE A 189 23.14 8.19 -1.68
CA PHE A 189 24.11 8.71 -2.63
C PHE A 189 23.85 8.08 -3.99
N THR A 190 24.46 8.68 -5.02
CA THR A 190 24.20 8.31 -6.40
C THR A 190 25.51 8.12 -7.15
N PHE A 191 25.58 7.04 -7.94
CA PHE A 191 26.76 6.77 -8.77
C PHE A 191 26.28 6.22 -10.10
N LYS A 192 26.62 6.92 -11.19
CA LYS A 192 26.28 6.50 -12.55
C LYS A 192 24.77 6.36 -12.72
N ASP A 193 24.04 7.41 -12.33
CA ASP A 193 22.59 7.49 -12.49
C ASP A 193 21.86 6.36 -11.75
N LEU A 194 22.44 5.91 -10.63
CA LEU A 194 21.83 4.89 -9.78
C LEU A 194 21.83 5.40 -8.35
N HIS A 195 20.66 5.43 -7.74
CA HIS A 195 20.48 5.99 -6.40
C HIS A 195 20.59 4.87 -5.37
N PHE A 196 21.56 4.98 -4.48
CA PHE A 196 21.80 3.99 -3.45
C PHE A 196 21.29 4.49 -2.10
N LYS A 197 20.70 3.58 -1.33
CA LYS A 197 20.33 3.82 0.06
C LYS A 197 20.99 2.75 0.91
N MET A 198 21.83 3.17 1.85
CA MET A 198 22.61 2.25 2.68
C MET A 198 22.16 2.42 4.12
N PHE A 199 21.58 1.36 4.68
CA PHE A 199 21.05 1.38 6.04
C PHE A 199 22.07 0.78 6.99
N ASP A 200 22.61 1.61 7.88
CA ASP A 200 23.55 1.16 8.90
C ASP A 200 22.77 0.89 10.18
N VAL A 201 22.63 -0.39 10.53
CA VAL A 201 21.79 -0.80 11.65
C VAL A 201 22.59 -1.13 12.90
N GLY A 202 23.89 -0.82 12.91
CA GLY A 202 24.71 -1.15 14.06
C GLY A 202 24.33 -0.42 15.33
N GLY A 203 23.55 0.66 15.21
CA GLY A 203 23.19 1.45 16.37
C GLY A 203 22.00 0.91 17.13
N GLN A 204 21.80 -0.41 17.08
CA GLN A 204 20.70 -1.07 17.77
C GLN A 204 21.25 -2.32 18.45
N ARG A 205 21.58 -2.20 19.74
CA ARG A 205 22.08 -3.34 20.50
C ARG A 205 20.95 -4.13 21.13
N SER A 206 19.97 -4.48 20.31
CA SER A 206 18.81 -5.27 20.74
C SER A 206 18.76 -6.56 19.92
N GLU A 207 17.71 -7.34 20.12
CA GLU A 207 17.58 -8.63 19.46
C GLU A 207 17.37 -8.43 17.97
N ARG A 208 18.34 -8.85 17.16
CA ARG A 208 18.20 -8.76 15.71
C ARG A 208 17.10 -9.67 15.19
N LYS A 209 16.72 -10.70 15.95
CA LYS A 209 15.69 -11.62 15.51
C LYS A 209 14.34 -10.94 15.29
N LYS A 210 14.09 -9.82 15.98
CA LYS A 210 12.77 -9.23 16.02
C LYS A 210 12.57 -8.08 15.04
N TRP A 211 13.62 -7.62 14.36
CA TRP A 211 13.47 -6.59 13.35
C TRP A 211 14.20 -6.89 12.04
N ILE A 212 14.90 -8.03 11.94
CA ILE A 212 15.65 -8.34 10.73
C ILE A 212 14.75 -8.71 9.57
N HIS A 213 13.44 -8.83 9.79
CA HIS A 213 12.53 -9.07 8.68
C HIS A 213 12.06 -7.78 8.03
N CYS A 214 12.26 -6.63 8.68
CA CYS A 214 11.96 -5.36 8.04
C CYS A 214 12.84 -5.14 6.82
N PHE A 215 14.09 -5.60 6.89
CA PHE A 215 15.06 -5.46 5.82
C PHE A 215 15.01 -6.63 4.84
N GLU A 216 13.91 -7.37 4.80
CA GLU A 216 13.71 -8.34 3.74
C GLU A 216 13.41 -7.62 2.44
N GLY A 217 13.75 -8.28 1.32
CA GLY A 217 13.60 -7.65 0.04
C GLY A 217 14.62 -6.57 -0.27
N VAL A 218 15.59 -6.35 0.61
CA VAL A 218 16.67 -5.42 0.31
C VAL A 218 17.46 -5.97 -0.87
N THR A 219 18.09 -5.07 -1.62
CA THR A 219 18.74 -5.48 -2.87
C THR A 219 19.99 -6.32 -2.58
N ALA A 220 20.85 -5.86 -1.70
CA ALA A 220 22.06 -6.60 -1.36
C ALA A 220 22.44 -6.29 0.07
N ILE A 221 23.40 -7.05 0.59
CA ILE A 221 23.89 -6.89 1.94
C ILE A 221 25.39 -6.64 1.86
N ILE A 222 25.80 -5.43 2.19
CA ILE A 222 27.22 -5.14 2.33
C ILE A 222 27.69 -5.67 3.67
N PHE A 223 28.92 -6.17 3.72
CA PHE A 223 29.45 -6.80 4.93
C PHE A 223 30.90 -6.37 5.10
N CYS A 224 31.17 -5.55 6.11
CA CYS A 224 32.51 -5.07 6.37
C CYS A 224 33.19 -5.97 7.40
N VAL A 225 34.32 -6.56 7.02
CA VAL A 225 35.08 -7.45 7.87
C VAL A 225 36.53 -6.96 7.88
N ALA A 226 37.04 -6.64 9.06
CA ALA A 226 38.41 -6.15 9.19
C ALA A 226 39.37 -7.32 9.14
N LEU A 227 40.20 -7.37 8.10
CA LEU A 227 41.18 -8.44 7.97
C LEU A 227 42.28 -8.34 9.02
N SER A 228 42.50 -7.16 9.60
CA SER A 228 43.52 -6.95 10.60
C SER A 228 43.06 -7.31 12.00
N ASP A 229 41.98 -8.09 12.12
CA ASP A 229 41.45 -8.48 13.43
C ASP A 229 41.56 -9.98 13.67
N TYR A 230 42.36 -10.68 12.85
CA TYR A 230 42.54 -12.11 13.05
C TYR A 230 43.38 -12.42 14.28
N ASP A 231 44.14 -11.45 14.79
CA ASP A 231 45.00 -11.65 15.94
C ASP A 231 44.55 -10.84 17.15
N LEU A 232 43.34 -10.29 17.13
CA LEU A 232 42.81 -9.52 18.24
C LEU A 232 41.67 -10.28 18.91
N VAL A 233 41.19 -9.73 20.02
CA VAL A 233 40.13 -10.35 20.79
C VAL A 233 38.98 -9.37 20.98
N ASN A 241 39.74 -13.54 19.47
CA ASN A 241 38.95 -14.40 18.59
C ASN A 241 37.77 -13.63 17.98
N ARG A 242 37.98 -12.34 17.71
CA ARG A 242 36.93 -11.54 17.12
C ARG A 242 36.66 -11.94 15.67
N MET A 243 37.67 -12.49 14.99
CA MET A 243 37.44 -12.95 13.62
C MET A 243 36.41 -14.06 13.59
N HIS A 244 36.43 -14.95 14.59
CA HIS A 244 35.42 -16.00 14.65
C HIS A 244 34.05 -15.42 15.00
N GLU A 245 34.01 -14.32 15.76
CA GLU A 245 32.75 -13.63 16.01
C GLU A 245 32.17 -13.08 14.70
N SER A 246 33.03 -12.46 13.89
CA SER A 246 32.58 -11.97 12.59
C SER A 246 32.15 -13.13 11.69
N MET A 247 32.85 -14.27 11.79
CA MET A 247 32.49 -15.42 10.98
C MET A 247 31.12 -15.96 11.34
N LYS A 248 30.84 -16.08 12.64
CA LYS A 248 29.54 -16.59 13.06
C LYS A 248 28.43 -15.57 12.79
N LEU A 249 28.75 -14.27 12.85
CA LEU A 249 27.76 -13.26 12.46
C LEU A 249 27.44 -13.37 10.98
N PHE A 250 28.46 -13.59 10.14
CA PHE A 250 28.22 -13.80 8.72
C PHE A 250 27.40 -15.07 8.49
N ASP A 251 27.67 -16.12 9.25
CA ASP A 251 26.91 -17.35 9.10
C ASP A 251 25.46 -17.17 9.53
N SER A 252 25.21 -16.29 10.50
CA SER A 252 23.85 -16.07 10.97
C SER A 252 23.06 -15.18 10.02
N ILE A 253 23.68 -14.12 9.51
CA ILE A 253 23.00 -13.20 8.59
C ILE A 253 23.27 -13.56 7.13
N CYS A 254 23.77 -14.77 6.88
CA CYS A 254 23.87 -15.33 5.53
C CYS A 254 22.92 -16.50 5.33
N ASN A 255 22.78 -17.37 6.33
CA ASN A 255 21.81 -18.45 6.32
C ASN A 255 20.51 -18.06 7.01
N ASN A 256 20.23 -16.76 7.13
CA ASN A 256 18.98 -16.31 7.70
C ASN A 256 17.82 -16.68 6.80
N LYS A 257 16.66 -16.90 7.40
CA LYS A 257 15.50 -17.34 6.62
C LYS A 257 14.95 -16.25 5.72
N TRP A 258 15.43 -15.01 5.83
CA TRP A 258 14.98 -13.91 5.00
C TRP A 258 15.96 -13.55 3.90
N PHE A 259 17.25 -13.78 4.11
CA PHE A 259 18.29 -13.41 3.16
C PHE A 259 18.83 -14.62 2.42
N THR A 260 17.95 -15.56 2.06
CA THR A 260 18.39 -16.74 1.32
C THR A 260 18.80 -16.37 -0.10
N ASP A 261 17.99 -15.58 -0.79
CA ASP A 261 18.29 -15.16 -2.15
C ASP A 261 19.01 -13.82 -2.21
N THR A 262 19.05 -13.07 -1.11
CA THR A 262 19.69 -11.76 -1.13
C THR A 262 21.20 -11.92 -1.19
N SER A 263 21.81 -11.38 -2.24
CA SER A 263 23.25 -11.47 -2.42
C SER A 263 23.98 -10.70 -1.31
N ILE A 264 25.27 -10.98 -1.18
CA ILE A 264 26.11 -10.35 -0.18
C ILE A 264 27.32 -9.75 -0.89
N ILE A 265 27.61 -8.50 -0.60
CA ILE A 265 28.81 -7.83 -1.12
C ILE A 265 29.78 -7.77 0.06
N LEU A 266 30.61 -8.79 0.19
CA LEU A 266 31.51 -8.89 1.32
C LEU A 266 32.76 -8.06 1.07
N PHE A 267 32.98 -7.05 1.90
CA PHE A 267 34.18 -6.23 1.85
C PHE A 267 35.16 -6.69 2.92
N LEU A 268 36.44 -6.36 2.70
CA LEU A 268 37.51 -6.72 3.62
C LEU A 268 38.37 -5.48 3.85
N ASN A 269 37.99 -4.68 4.84
CA ASN A 269 38.67 -3.42 5.10
C ASN A 269 40.02 -3.67 5.78
N LYS A 270 40.75 -2.58 6.01
CA LYS A 270 42.01 -2.60 6.75
C LYS A 270 43.02 -3.56 6.12
N LYS A 271 43.03 -3.61 4.79
CA LYS A 271 43.98 -4.49 4.10
C LYS A 271 45.42 -4.07 4.35
N ASP A 272 45.66 -2.77 4.54
CA ASP A 272 47.02 -2.30 4.81
C ASP A 272 47.51 -2.77 6.17
N LEU A 273 46.67 -2.67 7.20
CA LEU A 273 47.05 -3.19 8.51
C LEU A 273 47.23 -4.70 8.47
N PHE A 274 46.42 -5.39 7.67
CA PHE A 274 46.63 -6.83 7.49
C PHE A 274 47.98 -7.12 6.84
N GLU A 275 48.37 -6.28 5.87
CA GLU A 275 49.71 -6.38 5.30
C GLU A 275 50.78 -6.23 6.37
N GLU A 276 50.68 -5.17 7.17
CA GLU A 276 51.74 -4.88 8.14
C GLU A 276 51.78 -5.91 9.27
N LYS A 277 50.65 -6.53 9.61
CA LYS A 277 50.59 -7.45 10.72
C LYS A 277 50.57 -8.91 10.31
N ILE A 278 50.67 -9.20 9.01
CA ILE A 278 50.64 -10.59 8.57
C ILE A 278 52.03 -11.24 8.59
N LYS A 279 53.10 -10.43 8.46
CA LYS A 279 54.44 -11.01 8.42
C LYS A 279 54.89 -11.48 9.80
N LYS A 280 54.46 -10.81 10.86
CA LYS A 280 54.90 -11.14 12.21
C LYS A 280 53.88 -11.98 12.98
N SER A 281 52.59 -11.64 12.87
CA SER A 281 51.55 -12.39 13.57
C SER A 281 51.01 -13.47 12.65
N PRO A 282 51.29 -14.74 12.92
CA PRO A 282 50.84 -15.80 12.00
C PRO A 282 49.32 -15.98 12.03
N LEU A 283 48.81 -16.57 10.95
CA LEU A 283 47.39 -16.87 10.87
C LEU A 283 46.97 -17.99 11.82
N THR A 284 47.93 -18.70 12.41
CA THR A 284 47.62 -19.84 13.27
C THR A 284 46.94 -19.44 14.57
N ILE A 285 46.81 -18.14 14.85
CA ILE A 285 46.12 -17.70 16.06
C ILE A 285 44.62 -17.94 15.92
N CYS A 286 44.01 -17.37 14.88
CA CYS A 286 42.59 -17.56 14.63
C CYS A 286 42.30 -18.82 13.83
N TYR A 287 43.26 -19.31 13.05
CA TYR A 287 43.10 -20.52 12.25
C TYR A 287 44.33 -21.38 12.39
N PRO A 288 44.40 -22.19 13.46
CA PRO A 288 45.58 -23.06 13.64
C PRO A 288 45.71 -24.14 12.58
N GLU A 289 44.64 -24.45 11.86
CA GLU A 289 44.66 -25.46 10.81
C GLU A 289 45.15 -24.92 9.47
N TYR A 290 45.84 -23.78 9.47
CA TYR A 290 46.35 -23.20 8.24
C TYR A 290 47.53 -24.02 7.74
N ALA A 291 47.36 -24.64 6.57
CA ALA A 291 48.40 -25.44 5.92
C ALA A 291 48.87 -24.67 4.69
N GLY A 292 49.85 -23.81 4.86
CA GLY A 292 50.37 -23.02 3.77
C GLY A 292 51.29 -21.93 4.27
N SER A 293 51.88 -21.22 3.32
CA SER A 293 52.80 -20.14 3.65
C SER A 293 52.06 -18.98 4.30
N ASN A 294 52.79 -18.23 5.13
CA ASN A 294 52.22 -17.08 5.83
C ASN A 294 52.52 -15.78 5.06
N THR A 295 52.08 -15.77 3.80
CA THR A 295 52.18 -14.61 2.94
C THR A 295 50.80 -14.01 2.71
N TYR A 296 50.77 -12.81 2.13
CA TYR A 296 49.51 -12.11 1.93
C TYR A 296 48.64 -12.81 0.90
N GLU A 297 49.21 -13.09 -0.28
CA GLU A 297 48.42 -13.66 -1.36
C GLU A 297 47.82 -15.02 -1.01
N GLU A 298 48.37 -15.69 0.02
CA GLU A 298 47.83 -16.98 0.46
C GLU A 298 46.89 -16.84 1.63
N ALA A 299 47.28 -16.10 2.68
CA ALA A 299 46.45 -15.99 3.86
C ALA A 299 45.18 -15.17 3.60
N ALA A 300 45.31 -14.11 2.80
CA ALA A 300 44.13 -13.32 2.45
C ALA A 300 43.13 -14.13 1.65
N ALA A 301 43.62 -14.92 0.68
CA ALA A 301 42.74 -15.81 -0.06
C ALA A 301 42.16 -16.88 0.85
N TYR A 302 42.92 -17.33 1.85
CA TYR A 302 42.39 -18.30 2.81
C TYR A 302 41.22 -17.71 3.58
N ILE A 303 41.35 -16.47 4.05
CA ILE A 303 40.25 -15.83 4.75
C ILE A 303 39.07 -15.62 3.81
N GLN A 304 39.35 -15.28 2.55
CA GLN A 304 38.28 -15.08 1.59
C GLN A 304 37.48 -16.36 1.38
N CYS A 305 38.16 -17.50 1.24
CA CYS A 305 37.44 -18.75 1.03
C CYS A 305 36.83 -19.29 2.31
N GLN A 306 37.38 -18.93 3.48
CA GLN A 306 36.74 -19.31 4.74
C GLN A 306 35.45 -18.55 4.96
N PHE A 307 35.40 -17.30 4.50
CA PHE A 307 34.16 -16.53 4.58
C PHE A 307 33.17 -16.96 3.50
N GLU A 308 33.67 -17.25 2.30
CA GLU A 308 32.81 -17.63 1.20
C GLU A 308 32.29 -19.05 1.33
N ASP A 309 32.84 -19.85 2.24
CA ASP A 309 32.41 -21.23 2.45
C ASP A 309 31.44 -21.35 3.62
N LEU A 310 30.62 -20.33 3.84
CA LEU A 310 29.65 -20.32 4.92
C LEU A 310 28.21 -20.31 4.46
N ASN A 311 27.96 -20.19 3.15
CA ASN A 311 26.60 -20.25 2.61
C ASN A 311 26.36 -21.64 2.05
N LYS A 312 25.28 -22.29 2.52
CA LYS A 312 24.88 -23.59 2.02
C LYS A 312 23.99 -23.50 0.78
N ARG A 313 23.98 -22.35 0.12
CA ARG A 313 23.16 -22.10 -1.06
C ARG A 313 24.01 -21.51 -2.17
N LYS A 314 25.16 -22.14 -2.44
CA LYS A 314 26.13 -21.61 -3.41
C LYS A 314 25.59 -21.57 -4.83
N ASP A 315 24.34 -21.96 -5.07
CA ASP A 315 23.72 -21.89 -6.38
C ASP A 315 22.76 -20.72 -6.53
N THR A 316 22.06 -20.35 -5.46
CA THR A 316 21.04 -19.31 -5.53
C THR A 316 21.56 -17.93 -5.20
N LYS A 317 22.47 -17.81 -4.23
CA LYS A 317 23.00 -16.52 -3.81
C LYS A 317 24.48 -16.42 -4.11
N GLU A 318 24.94 -15.19 -4.32
CA GLU A 318 26.34 -14.92 -4.61
C GLU A 318 26.96 -14.12 -3.48
N ILE A 319 28.29 -14.14 -3.41
CA ILE A 319 29.06 -13.40 -2.43
C ILE A 319 30.20 -12.72 -3.18
N TYR A 320 30.03 -11.45 -3.51
CA TYR A 320 31.06 -10.69 -4.18
C TYR A 320 32.06 -10.19 -3.16
N THR A 321 33.30 -10.65 -3.26
CA THR A 321 34.35 -10.27 -2.32
C THR A 321 35.26 -9.22 -2.95
N HIS A 322 35.74 -8.29 -2.13
CA HIS A 322 36.60 -7.21 -2.60
C HIS A 322 37.52 -6.80 -1.46
N PHE A 323 38.82 -7.01 -1.64
CA PHE A 323 39.79 -6.62 -0.61
C PHE A 323 39.97 -5.11 -0.62
N THR A 324 38.99 -4.40 -0.08
CA THR A 324 38.96 -2.95 -0.16
C THR A 324 40.07 -2.33 0.68
N CYS A 325 40.31 -1.04 0.42
CA CYS A 325 41.25 -0.22 1.16
C CYS A 325 40.93 1.24 0.84
N ALA A 326 41.83 2.14 1.24
CA ALA A 326 41.71 3.55 0.91
C ALA A 326 42.27 3.88 -0.48
N THR A 327 42.40 2.88 -1.35
CA THR A 327 43.06 3.04 -2.63
C THR A 327 42.05 3.31 -3.74
N ASP A 328 42.19 4.45 -4.41
CA ASP A 328 41.52 4.81 -5.66
C ASP A 328 40.00 4.82 -5.55
N THR A 329 39.44 4.61 -4.36
CA THR A 329 37.99 4.61 -4.14
C THR A 329 37.24 3.84 -5.20
N LYS A 330 37.70 2.62 -5.48
CA LYS A 330 37.02 1.72 -6.39
C LYS A 330 35.87 0.97 -5.73
N ASN A 331 35.61 1.23 -4.45
CA ASN A 331 34.56 0.52 -3.74
C ASN A 331 33.19 0.84 -4.33
N VAL A 332 32.98 2.10 -4.72
CA VAL A 332 31.68 2.46 -5.31
C VAL A 332 31.48 1.73 -6.62
N GLN A 333 32.54 1.56 -7.41
CA GLN A 333 32.43 0.82 -8.66
C GLN A 333 32.16 -0.65 -8.40
N PHE A 334 32.80 -1.22 -7.37
CA PHE A 334 32.55 -2.62 -7.06
C PHE A 334 31.11 -2.83 -6.59
N VAL A 335 30.62 -1.94 -5.72
CA VAL A 335 29.23 -2.03 -5.27
C VAL A 335 28.28 -1.86 -6.45
N PHE A 336 28.62 -0.96 -7.38
CA PHE A 336 27.78 -0.78 -8.55
C PHE A 336 27.76 -2.02 -9.42
N ASP A 337 28.89 -2.71 -9.55
CA ASP A 337 28.92 -3.94 -10.35
C ASP A 337 28.09 -5.04 -9.70
N ALA A 338 28.27 -5.24 -8.38
CA ALA A 338 27.50 -6.26 -7.69
C ALA A 338 26.01 -5.95 -7.72
N VAL A 339 25.64 -4.69 -7.48
CA VAL A 339 24.25 -4.28 -7.51
C VAL A 339 23.67 -4.43 -8.91
N THR A 340 24.47 -4.16 -9.95
CA THR A 340 23.99 -4.37 -11.31
C THR A 340 23.72 -5.83 -11.59
N ASP A 341 24.58 -6.72 -11.10
CA ASP A 341 24.31 -8.15 -11.25
C ASP A 341 23.05 -8.56 -10.50
N VAL A 342 22.85 -8.03 -9.30
CA VAL A 342 21.65 -8.34 -8.53
C VAL A 342 20.41 -7.82 -9.24
N ILE A 343 20.51 -6.64 -9.86
CA ILE A 343 19.38 -6.07 -10.57
C ILE A 343 19.06 -6.89 -11.81
N ILE A 344 20.09 -7.37 -12.50
CA ILE A 344 19.86 -8.24 -13.65
C ILE A 344 19.17 -9.52 -13.22
N LYS A 345 19.58 -10.08 -12.08
CA LYS A 345 18.92 -11.29 -11.59
C LYS A 345 17.48 -11.02 -11.19
N ASN A 346 17.21 -9.88 -10.57
CA ASN A 346 15.84 -9.53 -10.20
C ASN A 346 14.97 -9.34 -11.44
N ASN A 347 15.51 -8.65 -12.46
CA ASN A 347 14.77 -8.49 -13.71
C ASN A 347 14.52 -9.84 -14.38
N LEU A 348 15.49 -10.75 -14.30
CA LEU A 348 15.29 -12.08 -14.85
C LEU A 348 14.18 -12.83 -14.12
N LYS A 349 14.15 -12.73 -12.79
CA LYS A 349 13.07 -13.34 -12.03
C LYS A 349 11.73 -12.70 -12.37
N ASP A 350 11.72 -11.40 -12.67
CA ASP A 350 10.47 -10.71 -12.96
C ASP A 350 9.93 -11.10 -14.33
N CYS A 351 10.78 -11.08 -15.35
CA CYS A 351 10.35 -11.41 -16.70
C CYS A 351 10.10 -12.90 -16.90
N GLY A 352 10.25 -13.72 -15.86
CA GLY A 352 9.93 -15.12 -15.94
C GLY A 352 11.00 -16.01 -16.54
N LEU A 353 12.14 -15.43 -16.95
CA LEU A 353 13.21 -16.26 -17.50
C LEU A 353 13.88 -17.08 -16.41
N PHE A 354 14.34 -16.42 -15.35
CA PHE A 354 15.03 -17.10 -14.26
C PHE A 354 14.05 -17.89 -13.39
N ASP B 9 26.86 -13.54 47.73
CA ASP B 9 25.56 -13.05 47.28
C ASP B 9 24.46 -13.96 47.81
N GLN B 10 24.14 -13.81 49.09
CA GLN B 10 23.08 -14.60 49.73
C GLN B 10 21.70 -14.00 49.51
N LEU B 11 21.59 -12.85 48.86
CA LEU B 11 20.28 -12.24 48.62
C LEU B 11 19.48 -13.03 47.60
N ARG B 12 20.16 -13.73 46.68
CA ARG B 12 19.45 -14.53 45.69
C ARG B 12 18.72 -15.71 46.32
N GLN B 13 19.14 -16.15 47.50
CA GLN B 13 18.40 -17.20 48.20
C GLN B 13 17.00 -16.75 48.57
N GLU B 14 16.81 -15.44 48.75
CA GLU B 14 15.46 -14.91 48.98
C GLU B 14 14.62 -14.99 47.71
N ALA B 15 15.24 -14.81 46.54
CA ALA B 15 14.49 -14.79 45.29
C ALA B 15 13.90 -16.16 44.97
N GLU B 16 14.66 -17.22 45.20
CA GLU B 16 14.16 -18.57 44.90
C GLU B 16 12.98 -18.92 45.80
N GLN B 17 13.13 -18.72 47.11
CA GLN B 17 12.04 -18.99 48.04
C GLN B 17 10.84 -18.10 47.75
N LEU B 18 11.09 -16.86 47.31
CA LEU B 18 10.00 -15.97 46.95
C LEU B 18 9.23 -16.49 45.73
N LYS B 19 9.96 -16.97 44.73
CA LYS B 19 9.30 -17.54 43.55
C LYS B 19 8.51 -18.78 43.92
N ASN B 20 9.05 -19.62 44.81
CA ASN B 20 8.30 -20.80 45.25
C ASN B 20 7.06 -20.40 46.03
N GLN B 21 7.15 -19.37 46.87
CA GLN B 21 5.99 -18.90 47.60
C GLN B 21 4.93 -18.34 46.66
N ILE B 22 5.36 -17.62 45.62
CA ILE B 22 4.41 -17.09 44.63
C ILE B 22 3.73 -18.25 43.91
N ARG B 23 4.50 -19.24 43.50
CA ARG B 23 3.93 -20.37 42.76
C ARG B 23 3.01 -21.21 43.65
N ASP B 24 3.27 -21.23 44.96
CA ASP B 24 2.43 -21.99 45.86
C ASP B 24 1.13 -21.25 46.19
N ALA B 25 1.22 -19.92 46.36
CA ALA B 25 0.04 -19.14 46.70
C ALA B 25 -1.01 -19.22 45.58
N ARG B 26 -0.57 -19.07 44.33
CA ARG B 26 -1.49 -19.19 43.20
C ARG B 26 -1.93 -20.62 42.97
N LYS B 27 -1.13 -21.61 43.39
CA LYS B 27 -1.54 -23.00 43.26
C LYS B 27 -2.68 -23.33 44.20
N ALA B 28 -2.69 -22.74 45.39
CA ALA B 28 -3.79 -22.96 46.32
C ALA B 28 -5.08 -22.32 45.83
N CYS B 29 -4.98 -21.25 45.04
CA CYS B 29 -6.14 -20.59 44.48
C CYS B 29 -6.61 -21.23 43.17
N ALA B 30 -5.98 -22.32 42.75
CA ALA B 30 -6.37 -23.00 41.52
C ALA B 30 -7.30 -24.17 41.85
N ASP B 31 -8.50 -23.82 42.30
CA ASP B 31 -9.49 -24.84 42.65
C ASP B 31 -9.88 -25.65 41.42
N ALA B 32 -10.48 -25.00 40.43
CA ALA B 32 -10.94 -25.65 39.21
C ALA B 32 -10.21 -25.03 38.02
N THR B 33 -10.64 -25.41 36.82
CA THR B 33 -10.11 -24.85 35.59
C THR B 33 -11.22 -24.19 34.79
N LEU B 34 -10.82 -23.27 33.91
CA LEU B 34 -11.79 -22.60 33.06
C LEU B 34 -12.48 -23.56 32.09
N SER B 35 -11.83 -24.69 31.78
CA SER B 35 -12.47 -25.68 30.92
C SER B 35 -13.61 -26.38 31.63
N GLN B 36 -13.41 -26.75 32.90
CA GLN B 36 -14.44 -27.46 33.63
C GLN B 36 -15.65 -26.57 33.88
N ILE B 37 -15.43 -25.28 34.15
CA ILE B 37 -16.54 -24.38 34.43
C ILE B 37 -17.36 -24.13 33.17
N THR B 38 -16.69 -23.85 32.05
CA THR B 38 -17.37 -23.61 30.78
C THR B 38 -17.61 -24.89 29.99
N ASN B 39 -17.51 -26.06 30.63
CA ASN B 39 -17.91 -27.29 29.97
C ASN B 39 -19.41 -27.45 29.89
N ASN B 40 -20.18 -26.58 30.55
CA ASN B 40 -21.64 -26.68 30.59
C ASN B 40 -22.32 -25.51 29.88
N ILE B 41 -21.64 -24.90 28.91
CA ILE B 41 -22.19 -23.80 28.14
C ILE B 41 -22.15 -24.19 26.66
N ASP B 42 -23.18 -23.81 25.93
CA ASP B 42 -23.26 -24.16 24.52
C ASP B 42 -22.16 -23.45 23.74
N PRO B 43 -21.51 -24.13 22.80
CA PRO B 43 -20.44 -23.48 22.03
C PRO B 43 -20.95 -22.42 21.09
N VAL B 44 -20.03 -21.73 20.41
CA VAL B 44 -20.40 -20.64 19.50
C VAL B 44 -20.63 -21.10 18.07
N GLY B 45 -20.36 -22.37 17.77
CA GLY B 45 -20.55 -22.88 16.43
C GLY B 45 -19.54 -22.30 15.44
N ARG B 46 -19.69 -22.69 14.19
CA ARG B 46 -18.81 -22.21 13.13
C ARG B 46 -19.10 -20.73 12.87
N ILE B 47 -18.07 -19.90 12.98
CA ILE B 47 -18.18 -18.46 12.79
C ILE B 47 -17.56 -18.14 11.43
N GLN B 48 -18.40 -18.03 10.41
CA GLN B 48 -17.94 -17.72 9.06
C GLN B 48 -18.02 -16.22 8.85
N MET B 49 -16.85 -15.58 8.76
CA MET B 49 -16.74 -14.14 8.55
C MET B 49 -16.08 -13.90 7.21
N ARG B 50 -16.81 -13.31 6.28
CA ARG B 50 -16.30 -13.04 4.95
C ARG B 50 -15.82 -11.61 4.83
N THR B 51 -14.92 -11.38 3.89
CA THR B 51 -14.32 -10.06 3.70
C THR B 51 -15.37 -9.08 3.18
N ARG B 52 -15.40 -7.89 3.78
CA ARG B 52 -16.28 -6.83 3.33
C ARG B 52 -15.54 -5.73 2.58
N ARG B 53 -14.32 -5.41 2.97
CA ARG B 53 -13.55 -4.36 2.34
C ARG B 53 -12.11 -4.82 2.15
N THR B 54 -11.45 -4.26 1.15
CA THR B 54 -10.02 -4.46 0.92
C THR B 54 -9.40 -3.10 0.62
N LEU B 55 -8.48 -2.68 1.46
CA LEU B 55 -7.91 -1.33 1.40
C LEU B 55 -6.55 -1.43 0.71
N ARG B 56 -6.55 -1.16 -0.60
CA ARG B 56 -5.35 -1.31 -1.45
C ARG B 56 -4.72 0.05 -1.66
N GLY B 57 -3.82 0.45 -0.76
CA GLY B 57 -3.08 1.68 -0.97
C GLY B 57 -1.63 1.62 -0.59
N HIS B 58 -1.21 0.53 0.04
CA HIS B 58 0.16 0.37 0.48
C HIS B 58 0.96 -0.44 -0.53
N LEU B 59 2.23 -0.10 -0.67
CA LEU B 59 3.11 -0.79 -1.60
C LEU B 59 4.04 -1.78 -0.91
N ALA B 60 4.51 -1.48 0.30
CA ALA B 60 5.34 -2.38 1.06
C ALA B 60 4.47 -3.22 2.00
N LYS B 61 5.11 -3.93 2.93
CA LYS B 61 4.39 -4.81 3.84
C LYS B 61 3.81 -4.03 5.01
N ILE B 62 2.52 -4.20 5.26
CA ILE B 62 1.84 -3.49 6.34
C ILE B 62 2.29 -4.07 7.68
N TYR B 63 2.67 -3.19 8.61
CA TYR B 63 3.23 -3.62 9.89
C TYR B 63 2.34 -3.33 11.09
N ALA B 64 1.33 -2.48 10.94
CA ALA B 64 0.47 -2.16 12.09
C ALA B 64 -0.78 -1.44 11.59
N MET B 65 -1.77 -1.38 12.47
CA MET B 65 -3.01 -0.64 12.23
C MET B 65 -3.67 -0.39 13.58
N HIS B 66 -4.62 0.53 13.58
CA HIS B 66 -5.38 0.84 14.79
C HIS B 66 -6.67 1.56 14.41
N TRP B 67 -7.78 1.09 14.95
CA TRP B 67 -9.07 1.69 14.67
C TRP B 67 -9.24 2.98 15.45
N GLY B 68 -10.15 3.81 14.99
CA GLY B 68 -10.56 4.96 15.76
C GLY B 68 -11.79 4.67 16.61
N THR B 69 -11.98 5.47 17.65
CA THR B 69 -13.14 5.27 18.51
C THR B 69 -14.44 5.44 17.76
N ASP B 70 -14.43 6.13 16.63
CA ASP B 70 -15.59 6.20 15.76
C ASP B 70 -15.89 4.87 15.08
N SER B 71 -14.97 3.90 15.18
CA SER B 71 -15.10 2.59 14.55
C SER B 71 -15.36 2.69 13.05
N ARG B 72 -14.94 3.79 12.43
CA ARG B 72 -15.03 3.96 10.99
C ARG B 72 -13.69 4.27 10.34
N LEU B 73 -12.88 5.12 10.96
CA LEU B 73 -11.57 5.47 10.43
C LEU B 73 -10.51 4.59 11.08
N LEU B 74 -9.51 4.21 10.28
CA LEU B 74 -8.40 3.40 10.79
C LEU B 74 -7.10 3.85 10.16
N VAL B 75 -6.07 4.00 10.97
CA VAL B 75 -4.73 4.32 10.49
C VAL B 75 -4.00 3.02 10.18
N SER B 76 -2.97 3.10 9.35
CA SER B 76 -2.17 1.92 9.04
C SER B 76 -0.78 2.36 8.62
N ALA B 77 0.22 1.67 9.13
CA ALA B 77 1.63 1.95 8.84
C ALA B 77 2.23 0.81 8.04
N SER B 78 3.15 1.15 7.16
CA SER B 78 3.84 0.15 6.34
C SER B 78 5.25 0.62 6.05
N GLN B 79 6.07 -0.29 5.53
CA GLN B 79 7.49 -0.04 5.34
C GLN B 79 7.79 0.87 4.15
N ASP B 80 6.79 1.32 3.41
CA ASP B 80 7.01 2.23 2.29
C ASP B 80 6.98 3.69 2.71
N GLY B 81 6.99 3.97 4.01
CA GLY B 81 7.06 5.33 4.50
C GLY B 81 5.74 6.07 4.54
N LYS B 82 4.62 5.38 4.38
CA LYS B 82 3.30 6.02 4.39
C LYS B 82 2.50 5.57 5.60
N LEU B 83 1.67 6.48 6.09
CA LEU B 83 0.77 6.23 7.22
C LEU B 83 -0.62 6.68 6.78
N ILE B 84 -1.33 5.82 6.08
CA ILE B 84 -2.61 6.18 5.49
C ILE B 84 -3.71 6.07 6.52
N ILE B 85 -4.72 6.94 6.40
CA ILE B 85 -5.86 6.97 7.30
C ILE B 85 -7.09 6.64 6.47
N TRP B 86 -7.52 5.39 6.51
CA TRP B 86 -8.60 4.92 5.68
C TRP B 86 -9.95 5.35 6.23
N ASP B 87 -10.96 5.29 5.38
CA ASP B 87 -12.36 5.41 5.76
C ASP B 87 -13.01 4.07 5.42
N SER B 88 -13.18 3.23 6.45
CA SER B 88 -13.50 1.83 6.21
C SER B 88 -14.83 1.63 5.50
N TYR B 89 -15.80 2.52 5.74
CA TYR B 89 -17.12 2.33 5.13
C TYR B 89 -17.08 2.50 3.61
N THR B 90 -16.13 3.30 3.10
CA THR B 90 -16.07 3.58 1.67
C THR B 90 -14.69 3.37 1.08
N THR B 91 -13.76 2.78 1.84
CA THR B 91 -12.38 2.51 1.41
C THR B 91 -11.62 3.77 1.00
N ASN B 92 -12.16 4.96 1.29
CA ASN B 92 -11.51 6.19 0.91
C ASN B 92 -10.33 6.48 1.82
N LYS B 93 -9.28 7.06 1.25
CA LYS B 93 -8.13 7.51 2.03
C LYS B 93 -8.39 8.95 2.48
N VAL B 94 -8.45 9.16 3.79
CA VAL B 94 -8.67 10.50 4.30
C VAL B 94 -7.36 11.28 4.36
N HIS B 95 -6.25 10.62 4.66
CA HIS B 95 -4.95 11.26 4.67
C HIS B 95 -3.91 10.24 4.23
N ALA B 96 -2.73 10.74 3.88
CA ALA B 96 -1.58 9.89 3.57
C ALA B 96 -0.34 10.64 4.06
N ILE B 97 0.07 10.34 5.29
CA ILE B 97 1.12 11.09 5.97
C ILE B 97 2.46 10.45 5.65
N PRO B 98 3.33 11.11 4.88
CA PRO B 98 4.63 10.52 4.57
C PRO B 98 5.57 10.64 5.77
N LEU B 99 6.20 9.53 6.13
CA LEU B 99 7.05 9.48 7.30
C LEU B 99 8.49 9.81 6.93
N ARG B 100 9.21 10.41 7.89
CA ARG B 100 10.61 10.73 7.69
C ARG B 100 11.51 9.50 7.75
N SER B 101 10.99 8.37 8.24
CA SER B 101 11.73 7.12 8.28
C SER B 101 10.78 5.98 7.94
N SER B 102 11.05 5.28 6.85
CA SER B 102 10.14 4.28 6.32
C SER B 102 10.12 2.99 7.12
N TRP B 103 10.89 2.89 8.21
CA TRP B 103 10.92 1.68 9.04
C TRP B 103 10.03 1.90 10.24
N VAL B 104 8.72 1.76 10.02
CA VAL B 104 7.71 1.98 11.05
C VAL B 104 7.08 0.65 11.40
N MET B 105 7.07 0.31 12.69
CA MET B 105 6.60 -0.98 13.16
C MET B 105 5.40 -0.88 14.10
N THR B 106 4.78 0.29 14.20
CA THR B 106 3.63 0.48 15.07
C THR B 106 2.93 1.77 14.67
N CYS B 107 1.66 1.85 15.01
CA CYS B 107 0.88 3.08 14.81
C CYS B 107 -0.30 3.06 15.76
N ALA B 108 -0.79 4.25 16.09
CA ALA B 108 -1.90 4.39 17.02
C ALA B 108 -2.83 5.49 16.54
N TYR B 109 -4.04 5.49 17.09
CA TYR B 109 -5.07 6.47 16.79
C TYR B 109 -5.57 7.04 18.10
N ALA B 110 -5.42 8.36 18.27
CA ALA B 110 -5.86 8.98 19.51
C ALA B 110 -7.35 8.73 19.71
N PRO B 111 -7.81 8.59 20.96
CA PRO B 111 -9.22 8.30 21.19
C PRO B 111 -10.15 9.37 20.66
N SER B 112 -9.79 10.65 20.84
CA SER B 112 -10.60 11.73 20.30
C SER B 112 -10.53 11.74 18.77
N GLY B 113 -9.34 11.62 18.21
CA GLY B 113 -9.15 11.64 16.78
C GLY B 113 -8.29 12.78 16.27
N ASN B 114 -7.80 13.66 17.14
CA ASN B 114 -7.01 14.80 16.70
C ASN B 114 -5.56 14.45 16.43
N TYR B 115 -5.12 13.24 16.77
CA TYR B 115 -3.73 12.87 16.57
C TYR B 115 -3.63 11.41 16.17
N VAL B 116 -2.47 11.07 15.58
CA VAL B 116 -2.04 9.69 15.41
C VAL B 116 -0.58 9.62 15.88
N ALA B 117 0.00 8.43 15.80
CA ALA B 117 1.39 8.25 16.18
C ALA B 117 1.93 7.03 15.45
N CYS B 118 3.26 6.99 15.30
CA CYS B 118 3.92 5.85 14.68
C CYS B 118 5.41 5.86 14.95
N GLY B 119 5.96 4.71 15.32
CA GLY B 119 7.38 4.58 15.57
C GLY B 119 7.94 3.34 14.89
N GLY B 120 9.25 3.18 15.04
CA GLY B 120 9.91 2.04 14.42
C GLY B 120 11.36 1.90 14.80
N LEU B 121 12.20 1.60 13.83
CA LEU B 121 13.63 1.40 14.03
C LEU B 121 14.39 2.68 14.29
N ASP B 122 13.72 3.80 14.51
CA ASP B 122 14.38 5.08 14.77
C ASP B 122 14.22 5.52 16.21
N ASN B 123 13.69 4.68 17.08
CA ASN B 123 13.56 4.92 18.52
C ASN B 123 12.62 6.09 18.84
N ILE B 124 11.78 6.50 17.90
CA ILE B 124 10.89 7.64 18.06
C ILE B 124 9.53 7.28 17.49
N CYS B 125 8.48 7.47 18.28
CA CYS B 125 7.11 7.43 17.73
C CYS B 125 6.55 8.84 17.84
N SER B 126 6.30 9.44 16.68
CA SER B 126 6.03 10.86 16.56
C SER B 126 4.53 11.11 16.40
N ILE B 127 4.05 12.13 17.09
CA ILE B 127 2.63 12.46 17.10
C ILE B 127 2.33 13.39 15.93
N TYR B 128 1.34 13.02 15.11
CA TYR B 128 0.93 13.82 13.96
C TYR B 128 -0.39 14.52 14.28
N ASN B 129 -0.52 15.76 13.81
CA ASN B 129 -1.72 16.55 14.02
C ASN B 129 -2.66 16.37 12.84
N LEU B 130 -3.87 15.90 13.11
CA LEU B 130 -4.86 15.69 12.06
C LEU B 130 -5.76 16.92 11.89
N LYS B 131 -6.47 17.29 12.95
CA LYS B 131 -7.36 18.45 12.92
C LYS B 131 -6.53 19.70 13.14
N THR B 132 -6.24 20.42 12.06
CA THR B 132 -5.43 21.62 12.14
C THR B 132 -5.82 22.54 10.99
N ARG B 133 -5.42 23.81 11.13
CA ARG B 133 -5.45 24.71 9.99
C ARG B 133 -4.45 24.24 8.94
N GLU B 134 -4.43 24.91 7.80
CA GLU B 134 -3.54 24.64 6.67
C GLU B 134 -3.87 23.33 5.97
N GLY B 135 -4.82 22.54 6.47
CA GLY B 135 -5.31 21.37 5.76
C GLY B 135 -4.25 20.35 5.41
N ASN B 136 -3.23 20.19 6.24
CA ASN B 136 -2.22 19.16 6.02
C ASN B 136 -1.82 18.56 7.35
N VAL B 137 -1.50 17.27 7.34
CA VAL B 137 -1.07 16.57 8.54
C VAL B 137 0.36 16.98 8.85
N ARG B 138 0.58 17.49 10.06
CA ARG B 138 1.87 18.03 10.45
C ARG B 138 2.33 17.37 11.74
N VAL B 139 3.61 17.02 11.80
CA VAL B 139 4.19 16.39 12.98
C VAL B 139 4.11 17.35 14.16
N SER B 140 3.32 16.98 15.18
CA SER B 140 3.24 17.80 16.37
C SER B 140 4.52 17.70 17.20
N ARG B 141 4.88 16.47 17.57
CA ARG B 141 6.08 16.23 18.38
C ARG B 141 6.81 15.01 17.85
N GLU B 142 8.08 14.90 18.22
CA GLU B 142 8.88 13.72 17.95
C GLU B 142 9.45 13.26 19.30
N LEU B 143 8.85 12.21 19.86
CA LEU B 143 9.17 11.76 21.21
C LEU B 143 10.41 10.88 21.16
N ALA B 144 11.56 11.46 21.47
CA ALA B 144 12.83 10.74 21.49
C ALA B 144 13.30 10.55 22.93
N GLY B 145 14.08 9.50 23.14
CA GLY B 145 14.55 9.16 24.47
C GLY B 145 14.69 7.67 24.69
N HIS B 146 14.03 6.87 23.88
CA HIS B 146 14.24 5.43 23.92
C HIS B 146 15.61 5.11 23.31
N THR B 147 16.06 3.87 23.54
CA THR B 147 17.35 3.42 23.01
C THR B 147 17.20 2.13 22.23
N GLY B 148 16.02 1.90 21.66
CA GLY B 148 15.77 0.71 20.86
C GLY B 148 14.51 0.90 20.05
N TYR B 149 14.32 0.00 19.09
CA TYR B 149 13.17 0.07 18.20
C TYR B 149 11.88 0.13 18.99
N LEU B 150 10.96 0.97 18.56
CA LEU B 150 9.66 1.11 19.21
C LEU B 150 8.70 0.08 18.61
N SER B 151 8.14 -0.77 19.47
CA SER B 151 7.27 -1.85 19.03
C SER B 151 5.79 -1.52 19.16
N CYS B 152 5.42 -0.64 20.09
CA CYS B 152 4.03 -0.25 20.26
C CYS B 152 3.97 1.00 21.11
N CYS B 153 3.21 2.00 20.66
CA CYS B 153 2.91 3.16 21.50
C CYS B 153 1.43 3.49 21.35
N ARG B 154 0.73 3.50 22.48
CA ARG B 154 -0.72 3.65 22.53
C ARG B 154 -1.09 4.94 23.25
N PHE B 155 -2.24 5.50 22.89
CA PHE B 155 -2.67 6.80 23.38
C PHE B 155 -3.54 6.64 24.62
N LEU B 156 -3.09 7.20 25.74
CA LEU B 156 -3.95 7.30 26.92
C LEU B 156 -5.04 8.34 26.70
N ASP B 157 -4.64 9.59 26.43
CA ASP B 157 -5.55 10.65 26.05
C ASP B 157 -4.82 11.51 25.02
N ASP B 158 -5.38 12.69 24.74
CA ASP B 158 -4.79 13.58 23.74
C ASP B 158 -3.44 14.15 24.17
N ASN B 159 -3.09 14.07 25.44
CA ASN B 159 -1.87 14.68 25.94
C ASN B 159 -0.84 13.69 26.46
N GLN B 160 -1.22 12.42 26.66
CA GLN B 160 -0.31 11.42 27.17
C GLN B 160 -0.28 10.22 26.22
N ILE B 161 0.82 9.48 26.26
CA ILE B 161 1.00 8.31 25.42
C ILE B 161 2.06 7.40 26.06
N VAL B 162 1.77 6.12 26.14
CA VAL B 162 2.73 5.13 26.64
C VAL B 162 3.37 4.42 25.46
N THR B 163 4.65 4.11 25.59
CA THR B 163 5.41 3.44 24.55
C THR B 163 5.96 2.13 25.09
N SER B 164 6.67 1.41 24.23
CA SER B 164 7.36 0.18 24.63
C SER B 164 8.39 -0.11 23.57
N SER B 165 9.67 -0.07 23.94
CA SER B 165 10.75 -0.16 22.97
C SER B 165 11.53 -1.46 23.16
N GLY B 166 12.43 -1.70 22.22
CA GLY B 166 13.29 -2.86 22.22
C GLY B 166 14.45 -2.80 23.19
N ASP B 167 14.52 -1.77 24.03
CA ASP B 167 15.52 -1.70 25.08
C ASP B 167 14.98 -2.17 26.43
N THR B 168 14.00 -3.07 26.41
CA THR B 168 13.41 -3.65 27.62
C THR B 168 12.87 -2.55 28.54
N THR B 169 12.07 -1.66 27.97
CA THR B 169 11.60 -0.50 28.71
C THR B 169 10.30 0.00 28.10
N CYS B 170 9.32 0.30 28.96
CA CYS B 170 8.12 1.04 28.59
C CYS B 170 8.14 2.38 29.31
N ALA B 171 7.67 3.43 28.63
CA ALA B 171 7.73 4.76 29.18
C ALA B 171 6.43 5.51 28.91
N LEU B 172 6.01 6.32 29.88
CA LEU B 172 4.85 7.19 29.74
C LEU B 172 5.31 8.59 29.39
N TRP B 173 4.76 9.14 28.32
CA TRP B 173 5.19 10.42 27.78
C TRP B 173 4.19 11.51 28.08
N ASP B 174 4.63 12.75 27.84
CA ASP B 174 3.78 13.93 27.87
C ASP B 174 3.99 14.66 26.56
N ILE B 175 2.97 14.67 25.70
CA ILE B 175 3.15 15.12 24.33
C ILE B 175 3.55 16.59 24.29
N GLU B 176 2.80 17.44 25.01
CA GLU B 176 3.10 18.87 24.98
C GLU B 176 4.47 19.18 25.58
N THR B 177 4.95 18.34 26.48
CA THR B 177 6.26 18.54 27.09
C THR B 177 7.35 17.78 26.33
N GLY B 178 7.15 16.50 26.08
CA GLY B 178 8.14 15.70 25.40
C GLY B 178 9.13 14.99 26.29
N GLN B 179 8.77 14.72 27.54
CA GLN B 179 9.66 14.08 28.50
C GLN B 179 8.92 12.92 29.17
N GLN B 180 9.64 11.83 29.40
CA GLN B 180 9.07 10.65 30.05
C GLN B 180 8.78 10.97 31.50
N THR B 181 7.51 11.17 31.84
CA THR B 181 7.15 11.43 33.23
C THR B 181 7.26 10.19 34.10
N THR B 182 7.21 9.00 33.50
CA THR B 182 7.31 7.75 34.24
C THR B 182 7.91 6.69 33.34
N THR B 183 8.89 5.95 33.84
CA THR B 183 9.56 4.90 33.10
C THR B 183 9.43 3.58 33.85
N PHE B 184 8.92 2.56 33.15
CA PHE B 184 8.71 1.25 33.73
C PHE B 184 9.86 0.33 33.31
N THR B 185 10.70 -0.03 34.26
CA THR B 185 11.90 -0.83 34.01
C THR B 185 11.84 -2.10 34.87
N GLY B 186 11.28 -3.16 34.32
CA GLY B 186 11.25 -4.43 35.02
C GLY B 186 11.50 -5.63 34.13
N HIS B 187 11.58 -5.41 32.82
CA HIS B 187 11.69 -6.49 31.86
C HIS B 187 13.15 -6.93 31.70
N THR B 188 13.33 -8.19 31.31
CA THR B 188 14.64 -8.72 30.98
C THR B 188 14.84 -8.91 29.48
N GLY B 189 13.76 -9.09 28.71
CA GLY B 189 13.83 -9.10 27.27
C GLY B 189 13.09 -7.90 26.71
N ASP B 190 13.29 -7.65 25.42
CA ASP B 190 12.73 -6.46 24.82
C ASP B 190 11.21 -6.59 24.69
N VAL B 191 10.51 -5.47 24.86
CA VAL B 191 9.05 -5.45 24.84
C VAL B 191 8.57 -5.45 23.40
N MET B 192 7.54 -6.25 23.13
CA MET B 192 7.06 -6.44 21.77
C MET B 192 5.59 -6.07 21.58
N SER B 193 4.84 -5.81 22.63
CA SER B 193 3.44 -5.41 22.49
C SER B 193 3.00 -4.67 23.74
N LEU B 194 1.73 -4.29 23.76
CA LEU B 194 1.19 -3.38 24.76
C LEU B 194 -0.32 -3.29 24.57
N SER B 195 -1.04 -3.08 25.67
CA SER B 195 -2.49 -2.91 25.60
C SER B 195 -2.96 -2.18 26.84
N LEU B 196 -3.77 -1.14 26.65
CA LEU B 196 -4.29 -0.35 27.74
C LEU B 196 -5.60 -0.92 28.27
N ALA B 197 -5.77 -0.87 29.58
CA ALA B 197 -7.03 -1.29 30.17
C ALA B 197 -8.15 -0.36 29.74
N PRO B 198 -9.40 -0.82 29.78
CA PRO B 198 -10.52 0.05 29.39
C PRO B 198 -10.57 1.37 30.15
N ASP B 199 -10.24 1.37 31.44
CA ASP B 199 -10.19 2.59 32.23
C ASP B 199 -8.86 3.32 32.11
N THR B 200 -7.91 2.78 31.36
CA THR B 200 -6.62 3.41 31.08
C THR B 200 -5.89 3.78 32.38
N ARG B 201 -5.89 2.87 33.34
CA ARG B 201 -5.08 3.01 34.55
C ARG B 201 -4.00 1.96 34.67
N LEU B 202 -4.22 0.77 34.13
CA LEU B 202 -3.22 -0.29 34.07
C LEU B 202 -3.01 -0.69 32.62
N PHE B 203 -1.89 -1.35 32.36
CA PHE B 203 -1.65 -1.89 31.03
C PHE B 203 -0.65 -3.03 31.12
N VAL B 204 -0.82 -3.99 30.23
CA VAL B 204 0.05 -5.16 30.16
C VAL B 204 0.92 -5.05 28.92
N SER B 205 2.03 -5.77 28.92
CA SER B 205 2.98 -5.70 27.82
C SER B 205 3.74 -7.02 27.71
N GLY B 206 3.83 -7.54 26.50
CA GLY B 206 4.62 -8.72 26.24
C GLY B 206 6.09 -8.43 26.38
N ALA B 207 6.89 -9.41 25.99
CA ALA B 207 8.35 -9.30 26.06
C ALA B 207 8.95 -10.47 25.28
N CYS B 208 10.28 -10.52 25.29
CA CYS B 208 11.02 -11.62 24.68
C CYS B 208 11.58 -12.59 25.71
N ASP B 209 11.09 -12.50 26.96
CA ASP B 209 11.45 -13.46 27.99
C ASP B 209 10.26 -14.30 28.43
N ALA B 210 9.21 -14.35 27.61
CA ALA B 210 8.01 -15.13 27.90
C ALA B 210 7.37 -14.71 29.22
N SER B 211 7.33 -13.40 29.47
CA SER B 211 6.78 -12.88 30.71
C SER B 211 6.11 -11.55 30.41
N ALA B 212 4.79 -11.50 30.58
CA ALA B 212 4.03 -10.26 30.50
C ALA B 212 3.81 -9.70 31.90
N LYS B 213 3.79 -8.39 32.01
CA LYS B 213 3.70 -7.71 33.29
C LYS B 213 2.44 -6.84 33.33
N LEU B 214 2.23 -6.21 34.48
CA LEU B 214 1.07 -5.34 34.70
C LEU B 214 1.55 -4.10 35.46
N TRP B 215 1.45 -2.94 34.81
CA TRP B 215 1.97 -1.70 35.37
C TRP B 215 0.84 -0.74 35.70
N ASP B 216 1.21 0.38 36.30
CA ASP B 216 0.28 1.46 36.63
C ASP B 216 0.77 2.75 35.99
N VAL B 217 -0.11 3.41 35.24
CA VAL B 217 0.28 4.61 34.52
C VAL B 217 0.54 5.78 35.46
N ARG B 218 0.10 5.70 36.71
CA ARG B 218 0.28 6.79 37.66
C ARG B 218 1.42 6.54 38.63
N GLU B 219 1.59 5.31 39.12
CA GLU B 219 2.64 5.00 40.08
C GLU B 219 3.95 4.61 39.38
N GLY B 220 3.88 3.68 38.44
CA GLY B 220 5.05 3.20 37.73
C GLY B 220 5.63 1.91 38.25
N MET B 221 5.01 1.30 39.25
CA MET B 221 5.51 0.07 39.84
C MET B 221 4.85 -1.14 39.17
N CYS B 222 5.65 -2.19 38.96
CA CYS B 222 5.15 -3.41 38.36
C CYS B 222 4.21 -4.11 39.33
N ARG B 223 2.92 -4.08 39.03
CA ARG B 223 1.92 -4.64 39.95
C ARG B 223 2.06 -6.15 40.04
N GLN B 224 1.92 -6.84 38.92
CA GLN B 224 2.01 -8.30 38.88
C GLN B 224 2.91 -8.70 37.71
N THR B 225 3.15 -10.01 37.59
CA THR B 225 4.01 -10.52 36.53
C THR B 225 3.54 -11.92 36.16
N PHE B 226 3.16 -12.10 34.90
CA PHE B 226 2.60 -13.36 34.43
C PHE B 226 3.60 -14.06 33.52
N THR B 227 3.64 -15.39 33.61
CA THR B 227 4.55 -16.18 32.79
C THR B 227 3.90 -17.52 32.50
N GLY B 228 4.48 -18.26 31.58
CA GLY B 228 3.94 -19.54 31.18
C GLY B 228 4.13 -19.84 29.70
N HIS B 229 4.61 -18.85 28.95
CA HIS B 229 4.95 -19.08 27.57
C HIS B 229 6.34 -19.72 27.47
N GLU B 230 6.64 -20.25 26.29
CA GLU B 230 7.93 -20.87 26.02
C GLU B 230 8.79 -20.05 25.08
N SER B 231 8.26 -18.96 24.53
CA SER B 231 9.01 -18.13 23.58
C SER B 231 8.60 -16.68 23.78
N ASP B 232 9.01 -15.83 22.84
CA ASP B 232 8.78 -14.40 22.98
C ASP B 232 7.31 -14.07 22.77
N ILE B 233 6.74 -13.31 23.70
CA ILE B 233 5.36 -12.85 23.56
C ILE B 233 5.30 -11.74 22.53
N ASN B 234 4.58 -11.99 21.44
CA ASN B 234 4.54 -11.04 20.32
C ASN B 234 3.39 -10.04 20.45
N ALA B 235 2.24 -10.47 20.93
CA ALA B 235 1.06 -9.62 21.01
C ALA B 235 0.45 -9.70 22.40
N ILE B 236 -0.51 -8.81 22.64
CA ILE B 236 -1.24 -8.78 23.90
C ILE B 236 -2.50 -7.94 23.70
N CYS B 237 -3.54 -8.21 24.51
CA CYS B 237 -4.79 -7.47 24.38
C CYS B 237 -5.62 -7.70 25.63
N PHE B 238 -6.11 -6.61 26.23
CA PHE B 238 -6.91 -6.72 27.44
C PHE B 238 -8.29 -7.27 27.15
N PHE B 239 -8.80 -8.07 28.08
CA PHE B 239 -10.19 -8.49 28.03
C PHE B 239 -11.10 -7.27 28.20
N PRO B 240 -12.24 -7.24 27.50
CA PRO B 240 -13.10 -6.05 27.58
C PRO B 240 -13.54 -5.69 28.99
N ASN B 241 -13.53 -6.64 29.92
CA ASN B 241 -13.89 -6.34 31.30
C ASN B 241 -12.76 -5.64 32.04
N GLY B 242 -11.51 -5.88 31.63
CA GLY B 242 -10.37 -5.34 32.32
C GLY B 242 -9.79 -6.20 33.41
N ASN B 243 -10.20 -7.47 33.49
CA ASN B 243 -9.71 -8.38 34.52
C ASN B 243 -9.03 -9.61 33.91
N ALA B 244 -8.63 -9.53 32.66
CA ALA B 244 -7.93 -10.62 31.99
C ALA B 244 -7.27 -10.07 30.74
N PHE B 245 -6.36 -10.85 30.17
CA PHE B 245 -5.70 -10.44 28.93
C PHE B 245 -5.10 -11.66 28.26
N ALA B 246 -5.26 -11.74 26.95
CA ALA B 246 -4.65 -12.82 26.18
C ALA B 246 -3.27 -12.41 25.71
N THR B 247 -2.51 -13.39 25.23
CA THR B 247 -1.17 -13.15 24.72
C THR B 247 -0.98 -13.91 23.42
N GLY B 248 0.13 -13.62 22.75
CA GLY B 248 0.51 -14.34 21.56
C GLY B 248 2.02 -14.47 21.52
N SER B 249 2.52 -15.68 21.29
CA SER B 249 3.95 -15.94 21.35
C SER B 249 4.41 -16.66 20.09
N ASP B 250 5.71 -16.97 20.06
CA ASP B 250 6.31 -17.70 18.96
C ASP B 250 6.18 -19.21 19.11
N ASP B 251 5.66 -19.68 20.24
CA ASP B 251 5.42 -21.10 20.43
C ASP B 251 4.05 -21.54 19.91
N ALA B 252 3.39 -20.70 19.11
CA ALA B 252 2.09 -21.00 18.51
C ALA B 252 1.06 -21.32 19.58
N THR B 253 0.98 -20.46 20.59
CA THR B 253 0.08 -20.68 21.71
C THR B 253 -0.37 -19.34 22.28
N CYS B 254 -1.68 -19.09 22.25
CA CYS B 254 -2.29 -18.01 22.98
C CYS B 254 -2.84 -18.54 24.30
N ARG B 255 -2.88 -17.67 25.30
CA ARG B 255 -3.39 -18.08 26.60
C ARG B 255 -3.99 -16.90 27.35
N LEU B 256 -5.21 -17.06 27.82
CA LEU B 256 -5.91 -16.03 28.57
C LEU B 256 -5.41 -16.03 30.01
N PHE B 257 -4.83 -14.91 30.44
CA PHE B 257 -4.36 -14.75 31.81
C PHE B 257 -5.47 -14.12 32.65
N ASP B 258 -5.17 -13.80 33.90
CA ASP B 258 -6.19 -13.27 34.81
C ASP B 258 -5.51 -12.41 35.86
N LEU B 259 -5.94 -11.15 35.97
CA LEU B 259 -5.34 -10.23 36.93
C LEU B 259 -5.75 -10.51 38.36
N ARG B 260 -6.86 -11.25 38.56
CA ARG B 260 -7.32 -11.54 39.91
C ARG B 260 -6.61 -12.75 40.50
N ALA B 261 -6.71 -13.90 39.82
CA ALA B 261 -6.05 -15.11 40.28
C ALA B 261 -4.54 -15.08 40.06
N ASP B 262 -4.02 -14.09 39.35
CA ASP B 262 -2.59 -13.93 39.12
C ASP B 262 -2.00 -15.13 38.38
N GLN B 263 -2.77 -15.75 37.51
CA GLN B 263 -2.32 -16.93 36.78
C GLN B 263 -3.14 -17.08 35.52
N GLU B 264 -2.67 -17.94 34.62
CA GLU B 264 -3.38 -18.17 33.37
C GLU B 264 -4.61 -19.04 33.61
N LEU B 265 -5.69 -18.74 32.90
CA LEU B 265 -6.92 -19.49 33.02
C LEU B 265 -6.95 -20.68 32.06
N MET B 266 -6.61 -20.45 30.80
CA MET B 266 -6.56 -21.52 29.81
C MET B 266 -5.56 -21.17 28.74
N THR B 267 -5.32 -22.12 27.84
CA THR B 267 -4.36 -21.96 26.76
C THR B 267 -5.00 -22.41 25.46
N TYR B 268 -4.81 -21.62 24.40
CA TYR B 268 -5.37 -21.88 23.09
C TYR B 268 -4.25 -22.37 22.18
N SER B 269 -4.09 -23.68 22.09
CA SER B 269 -3.06 -24.29 21.26
C SER B 269 -3.68 -25.37 20.40
N HIS B 270 -3.13 -25.54 19.19
CA HIS B 270 -3.57 -26.57 18.27
C HIS B 270 -2.35 -27.36 17.80
N ASP B 271 -2.56 -28.66 17.55
CA ASP B 271 -1.45 -29.51 17.17
C ASP B 271 -0.93 -29.17 15.77
N ASN B 272 -1.81 -28.78 14.86
CA ASN B 272 -1.42 -28.42 13.50
C ASN B 272 -1.08 -26.94 13.36
N ILE B 273 -0.77 -26.26 14.45
CA ILE B 273 -0.35 -24.86 14.44
C ILE B 273 1.06 -24.79 15.01
N ILE B 274 2.01 -24.39 14.18
CA ILE B 274 3.41 -24.34 14.58
C ILE B 274 4.02 -22.96 14.44
N CYS B 275 3.34 -22.02 13.79
CA CYS B 275 3.88 -20.69 13.57
C CYS B 275 3.48 -19.76 14.72
N GLY B 276 4.33 -18.78 14.98
CA GLY B 276 4.07 -17.86 16.07
C GLY B 276 2.92 -16.92 15.77
N ILE B 277 2.36 -16.37 16.83
CA ILE B 277 1.30 -15.38 16.73
C ILE B 277 1.93 -14.00 16.55
N THR B 278 1.30 -13.16 15.74
CA THR B 278 1.76 -11.79 15.56
C THR B 278 0.76 -10.75 16.05
N SER B 279 -0.43 -11.17 16.46
CA SER B 279 -1.50 -10.24 16.77
C SER B 279 -2.61 -10.97 17.51
N VAL B 280 -3.17 -10.32 18.52
CA VAL B 280 -4.25 -10.88 19.33
C VAL B 280 -5.23 -9.75 19.66
N SER B 281 -6.52 -10.05 19.54
CA SER B 281 -7.55 -9.09 19.93
C SER B 281 -8.81 -9.87 20.28
N PHE B 282 -9.61 -9.31 21.18
CA PHE B 282 -10.85 -9.93 21.61
C PHE B 282 -12.00 -9.42 20.76
N SER B 283 -13.23 -9.69 21.19
CA SER B 283 -14.43 -9.17 20.57
C SER B 283 -15.07 -8.12 21.49
N LYS B 284 -16.23 -7.61 21.07
CA LYS B 284 -16.93 -6.62 21.86
C LYS B 284 -17.40 -7.21 23.19
N SER B 285 -17.94 -8.43 23.15
CA SER B 285 -18.41 -9.07 24.37
C SER B 285 -17.28 -9.74 25.14
N GLY B 286 -16.36 -10.37 24.43
CA GLY B 286 -15.26 -11.08 25.04
C GLY B 286 -15.27 -12.58 24.85
N ARG B 287 -16.05 -13.09 23.90
CA ARG B 287 -16.12 -14.53 23.65
C ARG B 287 -15.15 -14.99 22.59
N LEU B 288 -14.82 -14.13 21.64
CA LEU B 288 -13.93 -14.48 20.55
C LEU B 288 -12.52 -13.95 20.83
N LEU B 289 -11.53 -14.70 20.38
CA LEU B 289 -10.12 -14.34 20.54
C LEU B 289 -9.48 -14.38 19.16
N LEU B 290 -9.62 -13.30 18.42
CA LEU B 290 -9.01 -13.21 17.10
C LEU B 290 -7.50 -13.21 17.23
N ALA B 291 -6.85 -14.18 16.61
CA ALA B 291 -5.39 -14.32 16.68
C ALA B 291 -4.83 -14.47 15.28
N GLY B 292 -3.86 -13.62 14.94
CA GLY B 292 -3.24 -13.65 13.62
C GLY B 292 -1.91 -14.37 13.68
N TYR B 293 -1.75 -15.34 12.79
CA TYR B 293 -0.58 -16.21 12.77
C TYR B 293 0.27 -15.94 11.53
N ASP B 294 1.47 -16.52 11.54
CA ASP B 294 2.35 -16.45 10.38
C ASP B 294 1.97 -17.43 9.28
N ASP B 295 0.96 -18.28 9.51
CA ASP B 295 0.42 -19.19 8.51
C ASP B 295 -0.41 -18.50 7.46
N PHE B 296 -0.37 -17.17 7.44
CA PHE B 296 -1.05 -16.29 6.49
C PHE B 296 -2.52 -16.13 6.82
N ASN B 297 -3.04 -16.80 7.85
CA ASN B 297 -4.46 -16.74 8.16
C ASN B 297 -4.66 -16.48 9.65
N CYS B 298 -5.79 -15.87 9.97
CA CYS B 298 -6.14 -15.51 11.34
C CYS B 298 -7.16 -16.50 11.87
N ASN B 299 -6.85 -17.12 13.02
CA ASN B 299 -7.75 -18.06 13.65
C ASN B 299 -8.71 -17.33 14.59
N VAL B 300 -9.73 -18.05 15.05
CA VAL B 300 -10.76 -17.50 15.93
C VAL B 300 -11.00 -18.50 17.04
N TRP B 301 -10.50 -18.19 18.24
CA TRP B 301 -10.63 -19.07 19.39
C TRP B 301 -11.79 -18.61 20.26
N ASP B 302 -12.72 -19.52 20.53
CA ASP B 302 -13.73 -19.26 21.55
C ASP B 302 -13.03 -19.09 22.89
N ALA B 303 -13.09 -17.89 23.47
CA ALA B 303 -12.26 -17.52 24.60
C ALA B 303 -12.79 -18.02 25.93
N LEU B 304 -13.70 -19.00 25.95
CA LEU B 304 -14.19 -19.54 27.21
C LEU B 304 -14.06 -21.05 27.26
N LYS B 305 -14.16 -21.71 26.11
CA LYS B 305 -14.00 -23.16 26.03
C LYS B 305 -12.75 -23.59 25.29
N ALA B 306 -12.00 -22.65 24.70
CA ALA B 306 -10.72 -22.92 24.06
C ALA B 306 -10.86 -23.88 22.89
N ASP B 307 -11.96 -23.81 22.15
CA ASP B 307 -12.14 -24.59 20.93
C ASP B 307 -12.13 -23.64 19.74
N ARG B 308 -11.41 -24.02 18.69
CA ARG B 308 -11.30 -23.17 17.51
C ARG B 308 -12.66 -23.05 16.82
N ALA B 309 -13.19 -21.81 16.78
CA ALA B 309 -14.49 -21.59 16.18
C ALA B 309 -14.40 -21.50 14.67
N GLY B 310 -13.67 -20.52 14.16
CA GLY B 310 -13.56 -20.33 12.72
C GLY B 310 -12.17 -20.00 12.25
N VAL B 311 -12.02 -19.64 10.98
CA VAL B 311 -10.75 -19.29 10.38
C VAL B 311 -10.97 -18.12 9.43
N LEU B 312 -10.06 -17.16 9.44
CA LEU B 312 -10.11 -15.99 8.57
C LEU B 312 -8.92 -16.08 7.62
N ALA B 313 -9.08 -16.81 6.52
CA ALA B 313 -8.01 -17.08 5.57
C ALA B 313 -8.29 -16.28 4.29
N GLY B 314 -7.67 -15.10 4.19
CA GLY B 314 -7.83 -14.28 3.01
C GLY B 314 -6.60 -13.50 2.64
N HIS B 315 -5.47 -13.79 3.28
CA HIS B 315 -4.24 -13.06 3.07
C HIS B 315 -3.21 -13.92 2.36
N ASP B 316 -2.34 -13.27 1.60
CA ASP B 316 -1.30 -13.94 0.82
C ASP B 316 0.06 -13.90 1.48
N ASN B 317 0.16 -13.37 2.70
CA ASN B 317 1.44 -13.30 3.40
C ASN B 317 1.15 -13.18 4.89
N ARG B 318 2.23 -13.14 5.67
CA ARG B 318 2.14 -13.12 7.12
C ARG B 318 1.26 -11.98 7.61
N VAL B 319 0.31 -12.30 8.48
CA VAL B 319 -0.55 -11.30 9.09
C VAL B 319 0.18 -10.65 10.25
N SER B 320 0.39 -9.34 10.17
CA SER B 320 1.21 -8.64 11.15
C SER B 320 0.43 -7.78 12.12
N CYS B 321 -0.82 -7.44 11.81
CA CYS B 321 -1.62 -6.59 12.68
C CYS B 321 -3.07 -7.03 12.64
N LEU B 322 -3.82 -6.60 13.65
CA LEU B 322 -5.19 -7.05 13.85
C LEU B 322 -5.91 -6.14 14.84
N GLY B 323 -7.12 -5.72 14.50
CA GLY B 323 -7.89 -4.87 15.39
C GLY B 323 -9.36 -5.07 15.19
N VAL B 324 -10.11 -4.98 16.28
CA VAL B 324 -11.56 -5.09 16.27
C VAL B 324 -12.13 -3.73 16.64
N THR B 325 -13.15 -3.30 15.89
CA THR B 325 -13.75 -2.00 16.10
C THR B 325 -14.26 -1.86 17.54
N ASP B 326 -14.38 -0.62 17.99
CA ASP B 326 -14.82 -0.37 19.35
C ASP B 326 -16.29 -0.73 19.58
N ASP B 327 -17.05 -0.97 18.52
CA ASP B 327 -18.41 -1.47 18.65
C ASP B 327 -18.54 -2.92 18.23
N GLY B 328 -17.44 -3.58 17.88
CA GLY B 328 -17.48 -4.98 17.51
C GLY B 328 -18.10 -5.27 16.16
N MET B 329 -18.29 -4.27 15.33
CA MET B 329 -18.99 -4.48 14.06
C MET B 329 -18.10 -5.05 12.97
N ALA B 330 -16.78 -4.98 13.13
CA ALA B 330 -15.89 -5.47 12.09
C ALA B 330 -14.54 -5.83 12.70
N VAL B 331 -13.76 -6.60 11.94
CA VAL B 331 -12.44 -7.05 12.34
C VAL B 331 -11.50 -6.78 11.18
N ALA B 332 -10.52 -5.90 11.39
CA ALA B 332 -9.57 -5.54 10.35
C ALA B 332 -8.26 -6.30 10.56
N THR B 333 -7.78 -6.93 9.49
CA THR B 333 -6.51 -7.63 9.51
C THR B 333 -5.58 -7.01 8.48
N GLY B 334 -4.31 -6.89 8.83
CA GLY B 334 -3.34 -6.35 7.90
C GLY B 334 -2.11 -7.22 7.79
N SER B 335 -1.79 -7.66 6.59
CA SER B 335 -0.72 -8.63 6.39
C SER B 335 0.44 -7.98 5.63
N TRP B 336 1.53 -8.74 5.53
CA TRP B 336 2.64 -8.35 4.67
C TRP B 336 2.28 -8.41 3.21
N ASP B 337 1.09 -8.89 2.89
CA ASP B 337 0.57 -8.90 1.52
C ASP B 337 0.36 -7.49 0.98
N SER B 338 0.44 -6.47 1.85
CA SER B 338 0.25 -5.04 1.61
C SER B 338 -1.24 -4.68 1.55
N PHE B 339 -2.14 -5.63 1.78
CA PHE B 339 -3.57 -5.36 1.77
C PHE B 339 -4.14 -5.48 3.18
N LEU B 340 -5.21 -4.73 3.43
CA LEU B 340 -5.76 -4.55 4.78
C LEU B 340 -7.24 -4.93 4.72
N LYS B 341 -7.52 -6.20 4.92
CA LYS B 341 -8.89 -6.70 4.83
C LYS B 341 -9.70 -6.21 6.03
N ILE B 342 -11.02 -6.26 5.88
CA ILE B 342 -11.95 -5.88 6.93
C ILE B 342 -13.07 -6.90 6.94
N TRP B 343 -13.07 -7.79 7.92
CA TRP B 343 -14.02 -8.89 8.00
C TRP B 343 -15.22 -8.48 8.83
N ASN B 344 -16.24 -9.34 8.83
CA ASN B 344 -17.48 -9.06 9.54
C ASN B 344 -18.27 -10.34 9.80
N ILE C 9 25.24 -6.38 44.84
CA ILE C 9 24.77 -5.58 43.72
C ILE C 9 23.31 -5.16 43.95
N ALA C 10 22.87 -4.14 43.23
CA ALA C 10 21.52 -3.61 43.40
C ALA C 10 20.48 -4.35 42.56
N GLN C 11 20.89 -5.06 41.52
CA GLN C 11 19.93 -5.76 40.67
C GLN C 11 19.19 -6.83 41.45
N ALA C 12 19.92 -7.70 42.16
CA ALA C 12 19.28 -8.77 42.92
C ALA C 12 18.42 -8.22 44.04
N ARG C 13 18.87 -7.17 44.72
CA ARG C 13 18.08 -6.58 45.78
C ARG C 13 16.79 -5.99 45.24
N LYS C 14 16.86 -5.27 44.11
CA LYS C 14 15.66 -4.70 43.53
C LYS C 14 14.70 -5.79 43.07
N LEU C 15 15.24 -6.87 42.50
CA LEU C 15 14.38 -7.99 42.11
C LEU C 15 13.69 -8.60 43.33
N VAL C 16 14.42 -8.71 44.44
CA VAL C 16 13.83 -9.29 45.65
C VAL C 16 12.73 -8.37 46.19
N GLU C 17 12.96 -7.05 46.19
CA GLU C 17 11.91 -6.14 46.64
C GLU C 17 10.69 -6.21 45.72
N GLN C 18 10.91 -6.35 44.41
CA GLN C 18 9.78 -6.45 43.49
C GLN C 18 8.99 -7.73 43.73
N LEU C 19 9.68 -8.86 43.94
CA LEU C 19 8.99 -10.11 44.21
C LEU C 19 8.24 -10.04 45.53
N LYS C 20 8.82 -9.36 46.54
CA LYS C 20 8.11 -9.16 47.80
C LYS C 20 6.84 -8.35 47.60
N MET C 21 6.95 -7.23 46.86
CA MET C 21 5.78 -6.40 46.60
C MET C 21 4.76 -7.12 45.73
N GLU C 22 5.18 -8.14 44.98
CA GLU C 22 4.25 -8.95 44.20
C GLU C 22 3.60 -10.05 45.02
N ALA C 23 4.05 -10.27 46.25
CA ALA C 23 3.48 -11.33 47.08
C ALA C 23 2.24 -10.87 47.82
N ASN C 24 2.21 -9.62 48.28
CA ASN C 24 1.08 -9.11 49.04
C ASN C 24 -0.06 -8.68 48.13
N ILE C 25 -0.49 -9.59 47.26
CA ILE C 25 -1.62 -9.37 46.36
C ILE C 25 -2.76 -10.27 46.82
N ASP C 26 -3.93 -9.67 47.03
CA ASP C 26 -5.08 -10.45 47.48
C ASP C 26 -5.61 -11.30 46.33
N ARG C 27 -5.14 -12.54 46.24
CA ARG C 27 -5.55 -13.43 45.16
C ARG C 27 -7.03 -13.77 45.26
N ILE C 28 -7.64 -14.01 44.11
CA ILE C 28 -9.03 -14.45 44.01
C ILE C 28 -9.03 -15.88 43.51
N LYS C 29 -9.87 -16.71 44.13
CA LYS C 29 -9.96 -18.11 43.71
C LYS C 29 -10.33 -18.20 42.23
N VAL C 30 -9.68 -19.12 41.52
CA VAL C 30 -9.90 -19.25 40.09
C VAL C 30 -11.34 -19.61 39.77
N SER C 31 -12.05 -20.23 40.71
CA SER C 31 -13.47 -20.53 40.49
C SER C 31 -14.28 -19.26 40.34
N LYS C 32 -14.14 -18.33 41.30
CA LYS C 32 -14.89 -17.08 41.24
C LYS C 32 -14.44 -16.22 40.07
N ALA C 33 -13.15 -16.20 39.78
CA ALA C 33 -12.65 -15.39 38.66
C ALA C 33 -13.15 -15.93 37.33
N ALA C 34 -13.15 -17.26 37.15
CA ALA C 34 -13.67 -17.83 35.93
C ALA C 34 -15.18 -17.64 35.82
N ALA C 35 -15.88 -17.71 36.96
CA ALA C 35 -17.32 -17.45 36.94
C ALA C 35 -17.62 -16.02 36.54
N ASP C 36 -16.80 -15.07 37.01
CA ASP C 36 -16.97 -13.68 36.61
C ASP C 36 -16.65 -13.49 35.13
N LEU C 37 -15.60 -14.14 34.65
CA LEU C 37 -15.25 -14.08 33.23
C LEU C 37 -16.40 -14.62 32.37
N MET C 38 -17.06 -15.68 32.84
CA MET C 38 -18.19 -16.23 32.11
C MET C 38 -19.45 -15.37 32.27
N ALA C 39 -19.56 -14.63 33.38
CA ALA C 39 -20.73 -13.79 33.60
C ALA C 39 -20.69 -12.53 32.76
N TYR C 40 -19.52 -11.88 32.66
CA TYR C 40 -19.41 -10.73 31.78
C TYR C 40 -19.54 -11.12 30.32
N CYS C 41 -19.09 -12.32 29.97
CA CYS C 41 -19.13 -12.75 28.57
C CYS C 41 -20.53 -13.14 28.13
N GLU C 42 -21.37 -13.60 29.06
CA GLU C 42 -22.72 -14.04 28.72
C GLU C 42 -23.71 -12.88 28.71
N ALA C 43 -23.56 -11.92 29.62
CA ALA C 43 -24.49 -10.80 29.69
C ALA C 43 -24.38 -9.89 28.46
N HIS C 44 -23.28 -9.96 27.72
CA HIS C 44 -23.07 -9.11 26.55
C HIS C 44 -23.13 -9.90 25.25
N ALA C 45 -23.69 -11.10 25.27
CA ALA C 45 -23.79 -11.91 24.06
C ALA C 45 -24.70 -11.27 23.02
N LYS C 46 -25.61 -10.39 23.43
CA LYS C 46 -26.49 -9.73 22.49
C LYS C 46 -25.81 -8.53 21.83
N GLU C 47 -24.96 -7.81 22.56
CA GLU C 47 -24.23 -6.68 22.01
C GLU C 47 -22.87 -7.12 21.43
N ASP C 48 -22.91 -8.08 20.52
CA ASP C 48 -21.69 -8.62 19.92
C ASP C 48 -21.99 -9.01 18.48
N PRO C 49 -21.79 -8.09 17.54
CA PRO C 49 -22.13 -8.39 16.13
C PRO C 49 -21.25 -9.44 15.48
N LEU C 50 -20.29 -10.01 16.19
CA LEU C 50 -19.44 -11.06 15.65
C LEU C 50 -19.89 -12.46 16.06
N LEU C 51 -20.50 -12.61 17.22
CA LEU C 51 -21.04 -13.90 17.63
C LEU C 51 -22.16 -14.34 16.71
N THR C 52 -23.24 -13.56 16.66
CA THR C 52 -24.37 -13.84 15.79
C THR C 52 -24.41 -12.80 14.68
N PRO C 53 -24.24 -13.19 13.42
CA PRO C 53 -24.26 -12.21 12.33
C PRO C 53 -25.58 -11.46 12.28
N VAL C 54 -25.49 -10.15 12.03
CA VAL C 54 -26.66 -9.28 11.96
C VAL C 54 -27.09 -9.13 10.50
N PRO C 55 -28.35 -8.80 10.22
CA PRO C 55 -28.77 -8.62 8.84
C PRO C 55 -28.09 -7.42 8.19
N ALA C 56 -28.18 -7.36 6.86
CA ALA C 56 -27.52 -6.32 6.08
C ALA C 56 -28.17 -4.96 6.24
N SER C 57 -29.27 -4.84 6.99
CA SER C 57 -29.91 -3.55 7.17
C SER C 57 -29.24 -2.73 8.27
N GLU C 58 -28.70 -3.38 9.30
CA GLU C 58 -28.02 -2.70 10.39
C GLU C 58 -26.51 -2.86 10.34
N ASN C 59 -26.00 -3.62 9.38
CA ASN C 59 -24.56 -3.82 9.24
C ASN C 59 -24.00 -2.78 8.28
N PRO C 60 -23.11 -1.89 8.73
CA PRO C 60 -22.62 -0.82 7.84
C PRO C 60 -21.59 -1.28 6.81
N PHE C 61 -20.88 -2.38 7.07
CA PHE C 61 -19.86 -2.85 6.14
C PHE C 61 -20.47 -3.76 5.09
N VAL D 2 -3.79 31.89 7.99
CA VAL D 2 -4.63 31.71 6.82
C VAL D 2 -5.03 33.06 6.27
N GLN D 3 -4.94 33.20 4.94
CA GLN D 3 -5.26 34.47 4.29
C GLN D 3 -5.76 34.19 2.88
N LEU D 4 -6.79 34.94 2.48
CA LEU D 4 -7.33 34.87 1.11
C LEU D 4 -7.68 36.29 0.70
N VAL D 5 -6.83 36.90 -0.12
CA VAL D 5 -7.02 38.26 -0.58
C VAL D 5 -7.29 38.24 -2.07
N GLU D 6 -8.32 38.97 -2.49
CA GLU D 6 -8.68 39.07 -3.90
C GLU D 6 -8.34 40.46 -4.42
N SER D 7 -8.19 40.55 -5.74
CA SER D 7 -7.85 41.81 -6.39
C SER D 7 -8.36 41.78 -7.82
N GLY D 8 -8.68 42.97 -8.33
CA GLY D 8 -9.20 43.10 -9.68
C GLY D 8 -10.55 43.78 -9.73
N GLY D 9 -10.89 44.53 -8.69
CA GLY D 9 -12.16 45.21 -8.64
C GLY D 9 -12.09 46.63 -9.17
N GLY D 10 -13.24 47.13 -9.61
CA GLY D 10 -13.33 48.46 -10.15
C GLY D 10 -14.49 48.57 -11.12
N LEU D 11 -14.62 49.76 -11.71
CA LEU D 11 -15.69 50.03 -12.64
C LEU D 11 -15.36 49.42 -14.00
N VAL D 12 -16.32 48.71 -14.58
CA VAL D 12 -16.15 48.09 -15.89
C VAL D 12 -17.40 48.33 -16.72
N GLN D 13 -17.22 48.70 -17.98
CA GLN D 13 -18.35 48.92 -18.86
C GLN D 13 -19.04 47.60 -19.18
N PRO D 14 -20.36 47.61 -19.37
CA PRO D 14 -21.08 46.36 -19.66
C PRO D 14 -20.64 45.78 -20.99
N GLY D 15 -20.54 44.45 -21.03
CA GLY D 15 -20.03 43.75 -22.19
C GLY D 15 -18.52 43.61 -22.23
N GLY D 16 -17.80 44.26 -21.32
CA GLY D 16 -16.35 44.18 -21.28
C GLY D 16 -15.85 42.88 -20.69
N SER D 17 -14.70 42.97 -20.02
CA SER D 17 -14.10 41.80 -19.41
C SER D 17 -13.18 42.24 -18.27
N ARG D 18 -12.95 41.32 -17.33
CA ARG D 18 -12.12 41.60 -16.17
C ARG D 18 -11.71 40.26 -15.56
N LYS D 19 -10.53 40.24 -14.96
CA LYS D 19 -10.00 39.03 -14.32
C LYS D 19 -9.84 39.29 -12.82
N LEU D 20 -10.43 38.42 -12.02
CA LEU D 20 -10.30 38.47 -10.57
C LEU D 20 -9.31 37.41 -10.11
N SER D 21 -8.37 37.80 -9.26
CA SER D 21 -7.33 36.91 -8.77
C SER D 21 -7.41 36.82 -7.26
N CYS D 22 -7.50 35.59 -6.75
CA CYS D 22 -7.49 35.32 -5.32
C CYS D 22 -6.18 34.62 -4.99
N SER D 23 -5.32 35.30 -4.23
CA SER D 23 -3.98 34.81 -3.92
C SER D 23 -3.96 34.31 -2.49
N ALA D 24 -3.85 33.00 -2.32
CA ALA D 24 -3.84 32.39 -1.00
C ALA D 24 -2.44 32.41 -0.41
N SER D 25 -2.35 32.60 0.91
CA SER D 25 -1.06 32.65 1.57
C SER D 25 -1.26 32.25 3.04
N GLY D 26 -0.84 31.05 3.40
CA GLY D 26 -0.92 30.62 4.79
C GLY D 26 -1.44 29.21 4.97
N PHE D 27 -1.76 28.53 3.88
CA PHE D 27 -2.25 27.17 3.97
C PHE D 27 -1.87 26.41 2.70
N ALA D 28 -2.09 25.09 2.74
CA ALA D 28 -1.74 24.22 1.61
C ALA D 28 -2.81 24.38 0.53
N PHE D 29 -2.64 25.42 -0.29
CA PHE D 29 -3.63 25.74 -1.31
C PHE D 29 -3.89 24.58 -2.26
N SER D 30 -2.88 23.76 -2.54
CA SER D 30 -3.02 22.71 -3.53
C SER D 30 -3.98 21.60 -3.11
N SER D 31 -4.34 21.52 -1.84
CA SER D 31 -5.19 20.45 -1.34
C SER D 31 -6.62 20.90 -1.06
N PHE D 32 -6.93 22.18 -1.20
CA PHE D 32 -8.26 22.71 -0.97
C PHE D 32 -8.97 22.96 -2.28
N GLY D 33 -10.26 22.60 -2.33
CA GLY D 33 -11.10 23.03 -3.43
C GLY D 33 -11.59 24.43 -3.16
N MET D 34 -11.49 25.31 -4.14
CA MET D 34 -11.80 26.71 -3.96
C MET D 34 -13.12 27.06 -4.64
N HIS D 35 -13.83 28.01 -4.05
CA HIS D 35 -15.12 28.47 -4.54
C HIS D 35 -15.04 29.95 -4.87
N TRP D 36 -16.06 30.43 -5.57
CA TRP D 36 -16.27 31.86 -5.78
C TRP D 36 -17.72 32.16 -5.44
N VAL D 37 -17.93 33.09 -4.51
CA VAL D 37 -19.26 33.42 -4.02
C VAL D 37 -19.41 34.93 -4.07
N ARG D 38 -20.43 35.41 -4.78
CA ARG D 38 -20.66 36.83 -4.93
C ARG D 38 -21.91 37.25 -4.14
N GLN D 39 -22.01 38.56 -3.90
CA GLN D 39 -23.08 39.09 -3.08
C GLN D 39 -23.45 40.47 -3.61
N ALA D 40 -24.68 40.59 -4.13
CA ALA D 40 -25.17 41.87 -4.64
C ALA D 40 -25.10 42.94 -3.56
N PRO D 41 -25.13 44.22 -3.95
CA PRO D 41 -24.96 45.30 -2.96
C PRO D 41 -25.91 45.23 -1.77
N GLU D 42 -27.16 44.81 -1.99
CA GLU D 42 -28.13 44.73 -0.89
C GLU D 42 -28.93 43.44 -1.00
N LYS D 43 -28.27 42.35 -1.37
CA LYS D 43 -28.90 41.04 -1.45
C LYS D 43 -28.00 40.01 -0.76
N GLY D 44 -28.47 38.76 -0.72
CA GLY D 44 -27.74 37.71 -0.07
C GLY D 44 -26.62 37.14 -0.94
N LEU D 45 -25.97 36.11 -0.41
CA LEU D 45 -24.87 35.48 -1.11
C LEU D 45 -25.39 34.68 -2.31
N GLU D 46 -24.47 34.33 -3.20
CA GLU D 46 -24.80 33.60 -4.41
C GLU D 46 -23.57 32.86 -4.89
N TRP D 47 -23.74 31.61 -5.28
CA TRP D 47 -22.63 30.77 -5.71
C TRP D 47 -22.30 31.02 -7.17
N VAL D 48 -21.01 30.94 -7.51
CA VAL D 48 -20.56 31.28 -8.85
C VAL D 48 -19.83 30.10 -9.49
N ALA D 49 -18.73 29.66 -8.88
CA ALA D 49 -17.91 28.61 -9.49
C ALA D 49 -17.13 27.87 -8.41
N TYR D 50 -16.50 26.77 -8.81
CA TYR D 50 -15.79 25.90 -7.88
C TYR D 50 -14.80 25.04 -8.63
N ILE D 51 -13.55 25.00 -8.16
CA ILE D 51 -12.54 24.09 -8.66
C ILE D 51 -12.15 23.13 -7.54
N SER D 52 -11.86 21.89 -7.90
CA SER D 52 -11.44 20.92 -6.91
C SER D 52 -9.92 20.93 -6.78
N SER D 53 -9.40 20.09 -5.89
CA SER D 53 -7.95 19.94 -5.74
C SER D 53 -7.40 19.22 -6.97
N GLY D 54 -6.50 19.88 -7.69
CA GLY D 54 -5.99 19.35 -8.94
C GLY D 54 -6.78 19.76 -10.16
N SER D 55 -7.79 20.61 -10.00
CA SER D 55 -8.58 21.16 -11.09
C SER D 55 -9.32 20.08 -11.88
N GLY D 56 -9.46 18.89 -11.31
CA GLY D 56 -10.13 17.80 -12.00
C GLY D 56 -11.64 17.86 -12.00
N THR D 57 -12.23 18.94 -11.51
CA THR D 57 -13.69 19.07 -11.47
C THR D 57 -14.04 20.54 -11.32
N ILE D 58 -14.82 21.07 -12.25
CA ILE D 58 -15.21 22.48 -12.26
C ILE D 58 -16.70 22.57 -12.48
N TYR D 59 -17.36 23.41 -11.68
CA TYR D 59 -18.78 23.67 -11.83
C TYR D 59 -19.03 25.17 -11.82
N TYR D 60 -20.05 25.60 -12.57
CA TYR D 60 -20.48 26.98 -12.58
C TYR D 60 -21.97 27.05 -12.27
N ALA D 61 -22.44 28.26 -11.99
CA ALA D 61 -23.86 28.49 -11.76
C ALA D 61 -24.59 28.51 -13.11
N ASP D 62 -25.87 28.85 -13.09
CA ASP D 62 -26.65 28.94 -14.31
C ASP D 62 -26.67 30.36 -14.89
N THR D 63 -26.06 31.33 -14.22
CA THR D 63 -25.96 32.68 -14.75
C THR D 63 -24.58 33.02 -15.30
N VAL D 64 -23.55 32.29 -14.90
CA VAL D 64 -22.19 32.57 -15.34
C VAL D 64 -21.60 31.44 -16.18
N LYS D 65 -22.42 30.45 -16.55
CA LYS D 65 -21.93 29.38 -17.42
C LYS D 65 -21.70 29.93 -18.81
N GLY D 66 -20.49 29.75 -19.32
CA GLY D 66 -20.11 30.32 -20.60
C GLY D 66 -19.46 31.69 -20.50
N ARG D 67 -20.07 32.58 -19.73
CA ARG D 67 -19.51 33.92 -19.55
C ARG D 67 -18.24 33.86 -18.71
N PHE D 68 -18.34 33.33 -17.49
CA PHE D 68 -17.21 33.26 -16.59
C PHE D 68 -16.50 31.92 -16.75
N THR D 69 -15.18 31.94 -16.63
CA THR D 69 -14.39 30.71 -16.55
C THR D 69 -13.43 30.82 -15.36
N ILE D 70 -13.25 29.72 -14.66
CA ILE D 70 -12.49 29.69 -13.41
C ILE D 70 -11.27 28.80 -13.59
N SER D 71 -10.18 29.18 -12.95
CA SER D 71 -8.94 28.45 -13.06
C SER D 71 -8.08 28.72 -11.84
N ARG D 72 -7.19 27.79 -11.53
CA ARG D 72 -6.30 27.90 -10.39
C ARG D 72 -4.86 27.70 -10.82
N ASP D 73 -3.95 28.33 -10.07
CA ASP D 73 -2.52 28.22 -10.30
C ASP D 73 -1.88 27.72 -9.00
N ASP D 74 -1.74 26.40 -8.88
CA ASP D 74 -1.22 25.82 -7.64
C ASP D 74 0.20 26.25 -7.31
N PRO D 75 1.17 26.22 -8.24
CA PRO D 75 2.53 26.64 -7.88
C PRO D 75 2.63 28.08 -7.41
N LYS D 76 1.74 28.95 -7.86
CA LYS D 76 1.75 30.35 -7.47
C LYS D 76 0.73 30.69 -6.39
N ASN D 77 -0.10 29.72 -5.98
CA ASN D 77 -1.10 29.91 -4.93
C ASN D 77 -2.07 31.03 -5.28
N THR D 78 -2.66 30.94 -6.47
CA THR D 78 -3.57 31.97 -6.95
C THR D 78 -4.79 31.34 -7.60
N LEU D 79 -5.96 31.94 -7.37
CA LEU D 79 -7.21 31.49 -7.93
C LEU D 79 -7.78 32.57 -8.83
N PHE D 80 -8.08 32.21 -10.07
CA PHE D 80 -8.53 33.16 -11.08
C PHE D 80 -9.98 32.91 -11.46
N LEU D 81 -10.68 34.00 -11.81
CA LEU D 81 -12.03 33.94 -12.35
C LEU D 81 -12.05 34.88 -13.55
N GLN D 82 -11.74 34.34 -14.73
CA GLN D 82 -11.69 35.14 -15.96
C GLN D 82 -13.12 35.41 -16.41
N MET D 83 -13.58 36.64 -16.19
CA MET D 83 -14.94 37.04 -16.50
C MET D 83 -15.00 37.65 -17.89
N THR D 84 -15.98 37.23 -18.68
CA THR D 84 -16.20 37.77 -20.02
C THR D 84 -17.68 38.09 -20.20
N SER D 85 -17.95 39.14 -20.97
CA SER D 85 -19.31 39.56 -21.31
C SER D 85 -20.12 39.88 -20.04
N LEU D 86 -19.61 40.85 -19.28
CA LEU D 86 -20.28 41.26 -18.06
C LEU D 86 -21.62 41.92 -18.36
N ARG D 87 -22.49 41.92 -17.35
CA ARG D 87 -23.80 42.55 -17.43
C ARG D 87 -23.97 43.49 -16.25
N SER D 88 -25.10 44.20 -16.24
CA SER D 88 -25.41 45.10 -15.13
C SER D 88 -25.87 44.37 -13.88
N GLU D 89 -25.96 43.04 -13.92
CA GLU D 89 -26.36 42.25 -12.76
C GLU D 89 -25.17 41.67 -12.01
N ASP D 90 -23.97 41.70 -12.60
CA ASP D 90 -22.79 41.13 -11.96
C ASP D 90 -22.15 42.05 -10.93
N THR D 91 -22.71 43.24 -10.72
CA THR D 91 -22.17 44.16 -9.73
C THR D 91 -22.36 43.59 -8.33
N ALA D 92 -21.27 43.13 -7.73
CA ALA D 92 -21.32 42.42 -6.46
C ALA D 92 -19.91 42.22 -5.93
N MET D 93 -19.81 42.06 -4.62
CA MET D 93 -18.54 41.70 -4.01
C MET D 93 -18.29 40.21 -4.18
N TYR D 94 -17.15 39.86 -4.74
CA TYR D 94 -16.82 38.48 -5.06
C TYR D 94 -15.89 37.93 -3.99
N TYR D 95 -16.32 36.88 -3.29
CA TYR D 95 -15.58 36.28 -2.20
C TYR D 95 -14.86 35.02 -2.67
N CYS D 96 -13.64 34.83 -2.17
CA CYS D 96 -12.85 33.63 -2.44
C CYS D 96 -13.00 32.70 -1.24
N VAL D 97 -13.62 31.54 -1.46
CA VAL D 97 -13.96 30.63 -0.39
C VAL D 97 -13.13 29.36 -0.52
N ARG D 98 -12.82 28.75 0.62
CA ARG D 98 -11.98 27.58 0.72
C ARG D 98 -12.83 26.38 1.17
N SER D 99 -12.51 25.20 0.68
CA SER D 99 -13.32 24.03 1.01
C SER D 99 -12.54 22.75 0.74
N ILE D 100 -12.29 21.96 1.78
CA ILE D 100 -11.63 20.67 1.66
C ILE D 100 -12.64 19.57 2.00
N TYR D 101 -12.57 18.46 1.26
CA TYR D 101 -13.60 17.43 1.32
C TYR D 101 -12.98 16.07 1.65
N TYR D 102 -13.09 15.68 2.92
CA TYR D 102 -12.84 14.31 3.34
C TYR D 102 -13.84 13.97 4.44
N TYR D 103 -13.77 12.76 4.96
CA TYR D 103 -14.67 12.37 6.04
C TYR D 103 -14.39 13.20 7.28
N GLY D 104 -15.38 13.98 7.71
CA GLY D 104 -15.23 14.82 8.87
C GLY D 104 -14.60 16.17 8.61
N SER D 105 -14.69 16.68 7.38
CA SER D 105 -14.13 17.96 7.05
C SER D 105 -15.17 19.06 7.26
N SER D 106 -14.68 20.30 7.32
CA SER D 106 -15.52 21.48 7.51
C SER D 106 -15.31 22.42 6.33
N PRO D 107 -15.92 22.13 5.19
CA PRO D 107 -15.76 23.00 4.02
C PRO D 107 -16.35 24.38 4.27
N PHE D 108 -16.01 25.30 3.37
CA PHE D 108 -16.44 26.69 3.47
C PHE D 108 -15.98 27.33 4.78
N ASP D 109 -14.84 26.89 5.29
CA ASP D 109 -14.40 27.33 6.61
C ASP D 109 -13.90 28.76 6.58
N PHE D 110 -12.99 29.09 5.67
CA PHE D 110 -12.38 30.40 5.60
C PHE D 110 -12.83 31.13 4.34
N TRP D 111 -13.39 32.32 4.51
CA TRP D 111 -13.81 33.17 3.41
C TRP D 111 -12.82 34.31 3.25
N GLY D 112 -12.60 34.74 2.02
CA GLY D 112 -11.69 35.84 1.74
C GLY D 112 -12.23 37.18 2.18
N GLN D 113 -11.70 38.26 1.59
CA GLN D 113 -12.17 39.61 1.89
C GLN D 113 -13.13 40.12 0.82
N GLY D 114 -12.77 39.99 -0.44
CA GLY D 114 -13.69 40.30 -1.51
C GLY D 114 -13.31 41.56 -2.27
N THR D 115 -13.60 41.56 -3.56
CA THR D 115 -13.45 42.74 -4.40
C THR D 115 -14.71 43.58 -4.31
N THR D 116 -14.79 44.64 -5.11
CA THR D 116 -15.95 45.53 -5.14
C THR D 116 -16.32 45.82 -6.60
N LEU D 117 -16.46 44.77 -7.39
CA LEU D 117 -16.72 44.93 -8.82
C LEU D 117 -18.05 45.62 -9.07
N THR D 118 -18.02 46.65 -9.91
CA THR D 118 -19.20 47.41 -10.29
C THR D 118 -19.27 47.51 -11.80
N VAL D 119 -20.43 47.20 -12.37
CA VAL D 119 -20.66 47.29 -13.81
C VAL D 119 -21.83 48.23 -14.03
N SER D 120 -21.55 49.39 -14.62
CA SER D 120 -22.59 50.38 -14.84
C SER D 120 -23.57 49.90 -15.91
N SER D 121 -24.80 50.42 -15.84
CA SER D 121 -25.84 50.05 -16.79
C SER D 121 -25.59 50.71 -18.15
N SER D 136 -35.36 23.57 -10.95
CA SER D 136 -34.68 22.29 -10.76
C SER D 136 -33.73 22.35 -9.57
N ASP D 137 -33.28 23.56 -9.24
CA ASP D 137 -32.37 23.76 -8.13
C ASP D 137 -33.11 23.59 -6.80
N ILE D 138 -32.38 23.75 -5.71
CA ILE D 138 -32.92 23.72 -4.36
C ILE D 138 -33.08 25.15 -3.88
N VAL D 139 -34.24 25.47 -3.32
CA VAL D 139 -34.55 26.83 -2.88
C VAL D 139 -34.68 26.82 -1.37
N MET D 140 -33.76 27.50 -0.70
CA MET D 140 -33.84 27.71 0.74
C MET D 140 -34.68 28.95 1.02
N THR D 141 -35.47 28.89 2.08
CA THR D 141 -36.41 29.95 2.40
C THR D 141 -36.26 30.33 3.87
N GLN D 142 -35.82 31.56 4.12
CA GLN D 142 -35.76 32.13 5.46
C GLN D 142 -36.84 33.20 5.55
N ALA D 143 -37.95 32.87 6.22
CA ALA D 143 -39.11 33.74 6.21
C ALA D 143 -38.82 35.07 6.89
N THR D 144 -38.45 35.04 8.16
CA THR D 144 -38.18 36.25 8.92
C THR D 144 -36.89 36.87 8.41
N SER D 145 -37.01 37.90 7.57
CA SER D 145 -35.85 38.54 6.98
C SER D 145 -35.15 39.49 7.94
N SER D 146 -35.83 39.94 9.00
CA SER D 146 -35.23 40.84 9.98
C SER D 146 -36.06 40.79 11.25
N VAL D 147 -35.41 40.48 12.37
CA VAL D 147 -36.09 40.45 13.67
C VAL D 147 -35.25 41.23 14.68
N PRO D 148 -35.86 41.89 15.65
CA PRO D 148 -35.08 42.54 16.71
C PRO D 148 -34.64 41.54 17.76
N VAL D 149 -33.60 41.94 18.51
CA VAL D 149 -33.04 41.06 19.53
C VAL D 149 -32.25 41.92 20.51
N THR D 150 -32.33 41.56 21.79
CA THR D 150 -31.58 42.17 22.88
C THR D 150 -30.57 41.17 23.44
N PRO D 151 -29.43 41.65 23.96
CA PRO D 151 -28.44 40.74 24.52
C PRO D 151 -29.04 39.91 25.66
N GLY D 152 -28.55 38.67 25.77
CA GLY D 152 -29.05 37.73 26.75
C GLY D 152 -30.24 36.92 26.31
N GLU D 153 -31.01 37.39 25.33
CA GLU D 153 -32.16 36.66 24.84
C GLU D 153 -31.72 35.54 23.90
N SER D 154 -32.62 34.60 23.68
CA SER D 154 -32.39 33.47 22.81
C SER D 154 -33.12 33.68 21.48
N VAL D 155 -32.42 33.46 20.37
CA VAL D 155 -33.00 33.61 19.05
C VAL D 155 -33.12 32.23 18.41
N SER D 156 -34.06 32.11 17.48
CA SER D 156 -34.33 30.85 16.79
C SER D 156 -34.58 31.17 15.31
N ILE D 157 -33.54 31.05 14.50
CA ILE D 157 -33.63 31.27 13.06
C ILE D 157 -34.01 29.98 12.37
N SER D 158 -34.90 30.06 11.39
CA SER D 158 -35.37 28.90 10.66
C SER D 158 -35.01 29.02 9.19
N CYS D 159 -34.91 27.86 8.54
CA CYS D 159 -34.52 27.82 7.13
C CYS D 159 -35.09 26.54 6.53
N ARG D 160 -36.11 26.68 5.69
CA ARG D 160 -36.78 25.55 5.07
C ARG D 160 -36.29 25.38 3.64
N SER D 161 -35.95 24.14 3.28
CA SER D 161 -35.46 23.82 1.95
C SER D 161 -36.59 23.30 1.08
N SER D 162 -36.37 23.34 -0.23
CA SER D 162 -37.32 22.82 -1.21
C SER D 162 -37.12 21.35 -1.50
N LYS D 163 -36.24 20.68 -0.76
CA LYS D 163 -35.95 19.27 -0.96
C LYS D 163 -35.31 18.72 0.30
N SER D 164 -35.66 17.49 0.66
CA SER D 164 -35.12 16.85 1.85
C SER D 164 -33.61 16.69 1.73
N LEU D 165 -32.85 17.42 2.55
CA LEU D 165 -31.40 17.41 2.46
C LEU D 165 -30.77 16.17 3.07
N LEU D 166 -31.49 15.48 3.96
CA LEU D 166 -30.93 14.30 4.63
C LEU D 166 -30.62 13.21 3.62
N HIS D 167 -29.35 12.91 3.44
CA HIS D 167 -28.92 11.92 2.45
C HIS D 167 -29.04 10.51 3.03
N SER D 168 -28.85 9.52 2.17
CA SER D 168 -29.01 8.13 2.57
C SER D 168 -27.90 7.66 3.50
N ASN D 169 -26.75 8.33 3.52
CA ASN D 169 -25.64 7.96 4.38
C ASN D 169 -25.73 8.57 5.76
N GLY D 170 -26.76 9.37 6.04
CA GLY D 170 -26.96 9.98 7.34
C GLY D 170 -26.56 11.43 7.42
N ASN D 171 -25.68 11.90 6.54
CA ASN D 171 -25.23 13.28 6.57
C ASN D 171 -26.26 14.17 5.89
N THR D 172 -26.84 15.09 6.65
CA THR D 172 -27.78 16.07 6.12
C THR D 172 -27.02 17.36 5.86
N TYR D 173 -26.70 17.60 4.59
CA TYR D 173 -25.82 18.69 4.20
C TYR D 173 -26.57 20.02 4.30
N LEU D 174 -26.27 20.79 5.35
CA LEU D 174 -26.83 22.13 5.50
C LEU D 174 -25.87 22.95 6.34
N TYR D 175 -25.41 24.07 5.80
CA TYR D 175 -24.38 24.89 6.41
C TYR D 175 -24.99 26.23 6.81
N TRP D 176 -24.45 26.81 7.88
CA TRP D 176 -24.95 28.06 8.44
C TRP D 176 -23.81 29.07 8.51
N PHE D 177 -23.98 30.21 7.86
CA PHE D 177 -22.97 31.26 7.80
C PHE D 177 -23.48 32.52 8.50
N LEU D 178 -22.54 33.33 8.97
CA LEU D 178 -22.84 34.60 9.63
C LEU D 178 -21.96 35.68 9.04
N GLN D 179 -22.58 36.70 8.46
CA GLN D 179 -21.88 37.83 7.87
C GLN D 179 -22.09 39.05 8.75
N ARG D 180 -21.11 39.34 9.61
CA ARG D 180 -21.17 40.53 10.43
C ARG D 180 -21.05 41.77 9.54
N PRO D 181 -21.60 42.91 9.97
CA PRO D 181 -21.48 44.15 9.17
C PRO D 181 -20.03 44.57 9.06
N GLY D 182 -19.56 44.68 7.81
CA GLY D 182 -18.20 45.10 7.54
C GLY D 182 -17.20 43.98 7.33
N GLN D 183 -17.60 42.73 7.55
CA GLN D 183 -16.71 41.59 7.41
C GLN D 183 -17.27 40.64 6.35
N SER D 184 -16.63 39.50 6.20
CA SER D 184 -17.04 38.43 5.31
C SER D 184 -17.71 37.32 6.10
N PRO D 185 -18.64 36.58 5.49
CA PRO D 185 -19.36 35.54 6.25
C PRO D 185 -18.43 34.42 6.68
N GLN D 186 -18.57 34.02 7.94
CA GLN D 186 -17.79 32.94 8.52
C GLN D 186 -18.69 31.73 8.78
N LEU D 187 -18.06 30.57 8.90
CA LEU D 187 -18.79 29.32 9.08
C LEU D 187 -19.17 29.14 10.54
N LEU D 188 -20.43 28.78 10.80
CA LEU D 188 -20.92 28.49 12.13
C LEU D 188 -21.24 27.01 12.31
N ILE D 189 -22.10 26.47 11.45
CA ILE D 189 -22.54 25.07 11.53
C ILE D 189 -22.33 24.44 10.16
N TYR D 190 -21.78 23.23 10.15
CA TYR D 190 -21.68 22.45 8.92
C TYR D 190 -22.33 21.09 9.13
N ARG D 191 -23.14 20.68 8.15
CA ARG D 191 -23.94 19.46 8.21
C ARG D 191 -24.93 19.49 9.38
N MET D 192 -25.42 20.68 9.71
CA MET D 192 -26.60 20.89 10.54
C MET D 192 -26.37 20.59 12.02
N SER D 193 -25.24 19.99 12.37
CA SER D 193 -25.05 19.61 13.76
C SER D 193 -23.68 20.02 14.30
N ASN D 194 -22.69 20.12 13.42
CA ASN D 194 -21.30 20.26 13.83
C ASN D 194 -20.93 21.74 13.95
N LEU D 195 -20.38 22.11 15.11
CA LEU D 195 -19.87 23.46 15.29
C LEU D 195 -18.54 23.63 14.56
N ALA D 196 -18.32 24.83 14.05
CA ALA D 196 -17.07 25.13 13.36
C ALA D 196 -15.99 25.51 14.36
N SER D 197 -14.74 25.31 13.97
CA SER D 197 -13.62 25.60 14.85
C SER D 197 -13.53 27.09 15.12
N GLY D 198 -13.31 27.44 16.39
CA GLY D 198 -13.25 28.82 16.80
C GLY D 198 -14.58 29.48 17.02
N VAL D 199 -15.68 28.74 16.91
CA VAL D 199 -17.02 29.28 17.13
C VAL D 199 -17.41 28.98 18.57
N PRO D 200 -17.95 29.95 19.32
CA PRO D 200 -18.36 29.68 20.69
C PRO D 200 -19.47 28.64 20.77
N ASP D 201 -19.56 28.00 21.93
CA ASP D 201 -20.55 26.94 22.13
C ASP D 201 -21.97 27.46 22.25
N ARG D 202 -22.18 28.77 22.15
CA ARG D 202 -23.54 29.32 22.23
C ARG D 202 -24.39 28.85 21.05
N PHE D 203 -23.80 28.80 19.86
CA PHE D 203 -24.53 28.37 18.67
C PHE D 203 -24.74 26.87 18.69
N SER D 204 -25.87 26.44 18.11
CA SER D 204 -26.20 25.03 18.04
C SER D 204 -27.25 24.83 16.98
N GLY D 205 -26.96 24.02 15.97
CA GLY D 205 -27.90 23.74 14.91
C GLY D 205 -28.74 22.51 15.21
N SER D 206 -29.98 22.53 14.73
CA SER D 206 -30.92 21.46 15.00
C SER D 206 -31.74 21.22 13.73
N GLY D 207 -32.85 20.51 13.88
CA GLY D 207 -33.76 20.27 12.78
C GLY D 207 -33.55 18.92 12.12
N SER D 208 -34.30 18.71 11.05
CA SER D 208 -34.24 17.47 10.29
C SER D 208 -34.35 17.85 8.82
N GLY D 209 -34.57 16.84 7.96
CA GLY D 209 -34.75 17.10 6.54
C GLY D 209 -35.90 18.05 6.25
N THR D 210 -35.65 19.06 5.41
CA THR D 210 -36.60 20.05 4.95
C THR D 210 -37.02 21.03 6.03
N ALA D 211 -36.54 20.88 7.27
CA ALA D 211 -36.90 21.77 8.36
C ALA D 211 -35.70 21.91 9.28
N PHE D 212 -35.03 23.07 9.23
CA PHE D 212 -33.82 23.31 10.00
C PHE D 212 -34.00 24.53 10.90
N THR D 213 -33.11 24.66 11.88
CA THR D 213 -33.17 25.75 12.83
C THR D 213 -31.79 25.99 13.41
N LEU D 214 -31.49 27.25 13.72
CA LEU D 214 -30.24 27.65 14.35
C LEU D 214 -30.58 28.37 15.65
N THR D 215 -30.46 27.66 16.77
CA THR D 215 -30.78 28.22 18.07
C THR D 215 -29.54 28.81 18.71
N ILE D 216 -29.66 30.05 19.18
CA ILE D 216 -28.58 30.74 19.89
C ILE D 216 -29.01 30.92 21.34
N SER D 217 -28.20 30.43 22.27
CA SER D 217 -28.48 30.52 23.69
C SER D 217 -27.47 31.43 24.36
N ARG D 218 -27.95 32.29 25.26
CA ARG D 218 -27.12 33.26 25.97
C ARG D 218 -26.37 34.14 24.97
N LEU D 219 -27.14 34.88 24.17
CA LEU D 219 -26.57 35.69 23.10
C LEU D 219 -25.66 36.78 23.67
N GLU D 220 -24.63 37.09 22.90
CA GLU D 220 -23.62 38.07 23.28
C GLU D 220 -23.43 39.04 22.13
N ALA D 221 -22.72 40.13 22.40
CA ALA D 221 -22.41 41.10 21.36
C ALA D 221 -21.57 40.44 20.25
N GLU D 222 -21.42 41.19 19.16
CA GLU D 222 -20.74 40.74 17.93
C GLU D 222 -21.49 39.63 17.22
N ASP D 223 -22.72 39.33 17.63
CA ASP D 223 -23.57 38.38 16.93
C ASP D 223 -24.48 39.06 15.91
N VAL D 224 -24.44 40.39 15.83
CA VAL D 224 -25.23 41.10 14.83
C VAL D 224 -24.74 40.74 13.43
N GLY D 225 -25.67 40.72 12.49
CA GLY D 225 -25.33 40.42 11.11
C GLY D 225 -26.45 39.64 10.46
N VAL D 226 -26.13 39.04 9.32
CA VAL D 226 -27.08 38.26 8.54
C VAL D 226 -26.68 36.80 8.64
N TYR D 227 -27.67 35.91 8.68
CA TYR D 227 -27.46 34.48 8.82
C TYR D 227 -28.00 33.79 7.58
N TYR D 228 -27.10 33.21 6.78
CA TYR D 228 -27.48 32.49 5.57
C TYR D 228 -27.35 30.99 5.80
N CYS D 229 -28.16 30.22 5.08
CA CYS D 229 -28.19 28.77 5.20
C CYS D 229 -27.95 28.16 3.82
N MET D 230 -26.73 27.69 3.60
CA MET D 230 -26.38 27.08 2.32
C MET D 230 -26.65 25.59 2.36
N GLN D 231 -27.12 25.06 1.24
CA GLN D 231 -27.24 23.62 1.05
C GLN D 231 -26.09 23.14 0.19
N HIS D 232 -25.48 22.02 0.59
CA HIS D 232 -24.37 21.44 -0.14
C HIS D 232 -24.71 20.01 -0.56
N LEU D 233 -25.97 19.78 -0.89
CA LEU D 233 -26.39 18.45 -1.33
C LEU D 233 -26.03 18.20 -2.78
N GLU D 234 -26.17 19.20 -3.64
CA GLU D 234 -25.83 19.07 -5.04
C GLU D 234 -25.69 20.44 -5.66
N TYR D 235 -24.81 20.52 -6.66
CA TYR D 235 -24.57 21.78 -7.36
C TYR D 235 -25.71 22.09 -8.33
N PRO D 236 -26.06 23.37 -8.51
CA PRO D 236 -25.41 24.54 -7.88
C PRO D 236 -25.87 24.75 -6.44
N LEU D 237 -24.91 25.08 -5.58
CA LEU D 237 -25.22 25.34 -4.18
C LEU D 237 -26.02 26.63 -4.05
N THR D 238 -27.05 26.60 -3.21
CA THR D 238 -27.96 27.72 -3.06
C THR D 238 -27.94 28.21 -1.62
N PHE D 239 -27.91 29.52 -1.45
CA PHE D 239 -27.99 30.15 -0.14
C PHE D 239 -29.44 30.54 0.15
N GLY D 240 -29.63 31.20 1.30
CA GLY D 240 -30.93 31.70 1.68
C GLY D 240 -31.00 33.21 1.59
N ALA D 241 -32.19 33.73 1.87
CA ALA D 241 -32.38 35.18 1.87
C ALA D 241 -31.54 35.83 2.95
N GLY D 242 -31.51 35.26 4.14
CA GLY D 242 -30.70 35.78 5.22
C GLY D 242 -31.49 36.54 6.26
N THR D 243 -31.52 36.02 7.49
CA THR D 243 -32.21 36.68 8.59
C THR D 243 -31.23 37.61 9.29
N LYS D 244 -31.57 38.89 9.38
CA LYS D 244 -30.73 39.89 10.02
C LYS D 244 -31.23 40.17 11.42
N LEU D 245 -30.31 40.33 12.36
CA LEU D 245 -30.63 40.58 13.76
C LEU D 245 -30.34 42.05 14.08
N GLU D 246 -31.37 42.76 14.54
CA GLU D 246 -31.27 44.16 14.88
C GLU D 246 -31.21 44.32 16.40
N LEU D 247 -30.40 45.27 16.86
CA LEU D 247 -30.29 45.57 18.29
C LEU D 247 -31.33 46.59 18.71
N MET E 63 -10.29 -33.40 -53.92
CA MET E 63 -11.48 -34.22 -53.72
C MET E 63 -12.22 -33.80 -52.45
N VAL E 64 -11.91 -34.46 -51.34
CA VAL E 64 -12.57 -34.20 -50.08
C VAL E 64 -11.56 -33.75 -49.03
N THR E 65 -10.52 -33.04 -49.47
CA THR E 65 -9.55 -32.47 -48.55
C THR E 65 -10.11 -31.28 -47.77
N ALA E 66 -11.28 -30.76 -48.19
CA ALA E 66 -11.84 -29.59 -47.54
C ALA E 66 -12.23 -29.89 -46.09
N ILE E 67 -12.78 -31.07 -45.84
CA ILE E 67 -13.16 -31.42 -44.47
C ILE E 67 -11.93 -31.56 -43.59
N THR E 68 -10.84 -32.12 -44.13
CA THR E 68 -9.61 -32.22 -43.37
C THR E 68 -9.03 -30.85 -43.07
N ILE E 69 -9.06 -29.95 -44.04
CA ILE E 69 -8.55 -28.59 -43.82
C ILE E 69 -9.39 -27.87 -42.77
N MET E 70 -10.71 -28.00 -42.85
CA MET E 70 -11.59 -27.38 -41.86
C MET E 70 -11.35 -27.97 -40.49
N ALA E 71 -11.09 -29.28 -40.42
CA ALA E 71 -10.79 -29.91 -39.14
C ALA E 71 -9.51 -29.37 -38.55
N LEU E 72 -8.47 -29.23 -39.37
CA LEU E 72 -7.22 -28.64 -38.90
C LEU E 72 -7.45 -27.23 -38.36
N TYR E 73 -8.16 -26.40 -39.12
CA TYR E 73 -8.46 -25.05 -38.69
C TYR E 73 -9.20 -25.06 -37.36
N SER E 74 -10.21 -25.92 -37.23
CA SER E 74 -11.04 -25.92 -36.02
C SER E 74 -10.25 -26.40 -34.80
N ILE E 75 -9.42 -27.44 -34.98
CA ILE E 75 -8.66 -27.94 -33.84
C ILE E 75 -7.61 -26.94 -33.38
N VAL E 76 -6.93 -26.29 -34.33
CA VAL E 76 -5.96 -25.28 -33.91
C VAL E 76 -6.66 -24.10 -33.26
N CYS E 77 -7.85 -23.74 -33.77
CA CYS E 77 -8.62 -22.65 -33.17
C CYS E 77 -9.00 -22.98 -31.74
N VAL E 78 -9.50 -24.20 -31.49
CA VAL E 78 -9.99 -24.51 -30.16
C VAL E 78 -8.83 -24.65 -29.18
N VAL E 79 -7.71 -25.23 -29.60
CA VAL E 79 -6.59 -25.35 -28.67
C VAL E 79 -6.03 -23.97 -28.35
N GLY E 80 -5.96 -23.08 -29.34
CA GLY E 80 -5.48 -21.73 -29.07
C GLY E 80 -6.42 -20.95 -28.17
N LEU E 81 -7.73 -21.05 -28.43
CA LEU E 81 -8.70 -20.36 -27.60
C LEU E 81 -8.63 -20.86 -26.15
N PHE E 82 -8.56 -22.18 -25.97
CA PHE E 82 -8.46 -22.71 -24.62
C PHE E 82 -7.19 -22.23 -23.93
N GLY E 83 -6.05 -22.26 -24.63
CA GLY E 83 -4.81 -21.79 -24.04
C GLY E 83 -4.89 -20.34 -23.62
N ASN E 84 -5.30 -19.46 -24.55
CA ASN E 84 -5.36 -18.03 -24.23
C ASN E 84 -6.34 -17.76 -23.10
N PHE E 85 -7.49 -18.42 -23.10
CA PHE E 85 -8.47 -18.15 -22.05
C PHE E 85 -8.00 -18.66 -20.70
N LEU E 86 -7.30 -19.80 -20.67
CA LEU E 86 -6.72 -20.29 -19.44
C LEU E 86 -5.69 -19.30 -18.90
N VAL E 87 -4.82 -18.79 -19.78
CA VAL E 87 -3.82 -17.81 -19.34
C VAL E 87 -4.49 -16.56 -18.79
N MET E 88 -5.50 -16.05 -19.51
CA MET E 88 -6.20 -14.86 -19.04
C MET E 88 -6.86 -15.10 -17.69
N TYR E 89 -7.45 -16.28 -17.50
CA TYR E 89 -8.07 -16.61 -16.23
C TYR E 89 -7.04 -16.60 -15.11
N VAL E 90 -5.89 -17.25 -15.32
CA VAL E 90 -4.88 -17.31 -14.27
C VAL E 90 -4.37 -15.91 -13.95
N ILE E 91 -4.19 -15.06 -14.96
CA ILE E 91 -3.69 -13.71 -14.69
C ILE E 91 -4.71 -12.91 -13.89
N VAL E 92 -5.97 -12.89 -14.34
CA VAL E 92 -6.98 -12.09 -13.66
C VAL E 92 -7.31 -12.64 -12.27
N ARG E 93 -7.05 -13.93 -12.03
CA ARG E 93 -7.41 -14.52 -10.74
C ARG E 93 -6.24 -14.48 -9.74
N TYR E 94 -5.12 -15.11 -10.08
CA TYR E 94 -4.05 -15.30 -9.11
C TYR E 94 -3.02 -14.18 -9.13
N THR E 95 -2.38 -13.96 -10.28
CA THR E 95 -1.27 -13.02 -10.36
C THR E 95 -1.69 -11.57 -10.13
N LYS E 96 -2.96 -11.24 -10.36
CA LYS E 96 -3.57 -9.93 -10.15
C LYS E 96 -3.01 -8.85 -11.07
N MET E 97 -2.07 -9.18 -11.96
CA MET E 97 -1.57 -8.27 -13.00
C MET E 97 -1.01 -6.99 -12.40
N LYS E 98 0.06 -7.14 -11.62
CA LYS E 98 0.73 -6.01 -10.99
C LYS E 98 2.15 -5.80 -11.49
N THR E 99 2.68 -6.68 -12.34
CA THR E 99 4.00 -6.51 -12.93
C THR E 99 3.88 -6.25 -14.42
N ALA E 100 4.93 -5.62 -14.98
CA ALA E 100 4.90 -5.28 -16.40
C ALA E 100 4.83 -6.53 -17.26
N THR E 101 5.58 -7.57 -16.91
CA THR E 101 5.54 -8.80 -17.69
C THR E 101 4.16 -9.43 -17.65
N ASN E 102 3.46 -9.33 -16.52
CA ASN E 102 2.11 -9.87 -16.45
C ASN E 102 1.16 -9.12 -17.35
N ILE E 103 1.28 -7.78 -17.40
CA ILE E 103 0.45 -6.99 -18.30
C ILE E 103 0.74 -7.35 -19.75
N TYR E 104 2.02 -7.52 -20.09
CA TYR E 104 2.38 -7.89 -21.45
C TYR E 104 1.82 -9.26 -21.83
N ILE E 105 1.91 -10.23 -20.90
CA ILE E 105 1.41 -11.56 -21.19
C ILE E 105 -0.10 -11.56 -21.32
N PHE E 106 -0.79 -10.80 -20.47
CA PHE E 106 -2.24 -10.70 -20.58
C PHE E 106 -2.65 -10.08 -21.91
N ASN E 107 -1.96 -9.01 -22.31
CA ASN E 107 -2.28 -8.37 -23.58
C ASN E 107 -2.00 -9.30 -24.76
N LEU E 108 -0.89 -10.04 -24.70
CA LEU E 108 -0.59 -10.98 -25.77
C LEU E 108 -1.63 -12.09 -25.84
N ALA E 109 -2.07 -12.59 -24.68
CA ALA E 109 -3.10 -13.63 -24.66
C ALA E 109 -4.42 -13.11 -25.20
N LEU E 110 -4.79 -11.88 -24.83
CA LEU E 110 -6.02 -11.29 -25.34
C LEU E 110 -5.96 -11.13 -26.86
N ALA E 111 -4.86 -10.57 -27.36
CA ALA E 111 -4.71 -10.40 -28.80
C ALA E 111 -4.73 -11.73 -29.53
N ASP E 112 -4.06 -12.74 -28.97
CA ASP E 112 -4.01 -14.05 -29.61
C ASP E 112 -5.37 -14.71 -29.63
N ALA E 113 -6.13 -14.59 -28.53
CA ALA E 113 -7.46 -15.17 -28.47
C ALA E 113 -8.39 -14.49 -29.47
N LEU E 114 -8.40 -13.16 -29.48
CA LEU E 114 -9.25 -12.45 -30.42
C LEU E 114 -8.84 -12.70 -31.86
N ALA E 115 -7.56 -13.01 -32.09
CA ALA E 115 -7.10 -13.34 -33.44
C ALA E 115 -7.57 -14.73 -33.85
N THR E 116 -7.33 -15.74 -33.01
CA THR E 116 -7.68 -17.10 -33.37
C THR E 116 -9.18 -17.35 -33.31
N SER E 117 -9.96 -16.46 -32.71
CA SER E 117 -11.40 -16.61 -32.72
C SER E 117 -12.00 -16.38 -34.10
N THR E 118 -11.21 -15.94 -35.07
CA THR E 118 -11.71 -15.71 -36.42
C THR E 118 -11.57 -16.93 -37.33
N LEU E 119 -10.93 -18.00 -36.87
CA LEU E 119 -10.79 -19.21 -37.67
C LEU E 119 -12.10 -19.95 -37.94
N PRO E 120 -13.09 -19.94 -37.03
CA PRO E 120 -14.38 -20.55 -37.40
C PRO E 120 -14.99 -19.93 -38.65
N PHE E 121 -14.97 -18.61 -38.76
CA PHE E 121 -15.55 -17.94 -39.92
C PHE E 121 -14.81 -18.33 -41.19
N GLN E 122 -13.47 -18.25 -41.17
CA GLN E 122 -12.71 -18.60 -42.36
C GLN E 122 -12.88 -20.07 -42.73
N SER E 123 -12.99 -20.94 -41.73
CA SER E 123 -13.14 -22.37 -42.02
C SER E 123 -14.49 -22.67 -42.65
N VAL E 124 -15.57 -22.11 -42.11
CA VAL E 124 -16.87 -22.34 -42.73
C VAL E 124 -16.95 -21.65 -44.09
N ASN E 125 -16.21 -20.55 -44.27
CA ASN E 125 -16.18 -19.90 -45.59
C ASN E 125 -15.47 -20.78 -46.61
N TYR E 126 -14.36 -21.39 -46.23
CA TYR E 126 -13.66 -22.27 -47.16
C TYR E 126 -14.43 -23.56 -47.41
N LEU E 127 -15.17 -24.04 -46.40
CA LEU E 127 -15.92 -25.28 -46.57
C LEU E 127 -17.14 -25.07 -47.45
N MET E 128 -17.99 -24.12 -47.09
CA MET E 128 -19.24 -23.90 -47.84
C MET E 128 -19.05 -23.01 -49.06
N GLY E 129 -17.88 -22.40 -49.23
CA GLY E 129 -17.65 -21.54 -50.39
C GLY E 129 -18.51 -20.30 -50.40
N THR E 130 -18.83 -19.76 -49.24
CA THR E 130 -19.71 -18.60 -49.15
C THR E 130 -19.43 -17.85 -47.85
N TRP E 131 -19.94 -16.63 -47.78
CA TRP E 131 -19.84 -15.78 -46.59
C TRP E 131 -21.25 -15.41 -46.15
N PRO E 132 -21.95 -16.32 -45.48
CA PRO E 132 -23.34 -16.05 -45.08
C PRO E 132 -23.48 -15.18 -43.84
N PHE E 133 -22.40 -14.58 -43.36
CA PHE E 133 -22.43 -13.77 -42.15
C PHE E 133 -22.75 -12.30 -42.42
N GLY E 134 -23.10 -11.95 -43.66
CA GLY E 134 -23.52 -10.60 -43.95
C GLY E 134 -22.40 -9.67 -44.38
N ASN E 135 -22.56 -8.38 -44.10
CA ASN E 135 -21.59 -7.37 -44.48
C ASN E 135 -20.91 -6.69 -43.31
N ILE E 136 -21.60 -6.54 -42.18
CA ILE E 136 -20.96 -5.97 -40.99
C ILE E 136 -19.98 -6.97 -40.39
N LEU E 137 -20.38 -8.24 -40.33
CA LEU E 137 -19.49 -9.26 -39.79
C LEU E 137 -18.24 -9.43 -40.65
N CYS E 138 -18.35 -9.22 -41.96
CA CYS E 138 -17.18 -9.28 -42.82
C CYS E 138 -16.13 -8.27 -42.41
N LYS E 139 -16.54 -6.99 -42.31
CA LYS E 139 -15.62 -5.94 -41.89
C LYS E 139 -15.07 -6.22 -40.50
N ILE E 140 -15.95 -6.60 -39.57
CA ILE E 140 -15.52 -6.84 -38.19
C ILE E 140 -14.48 -7.95 -38.14
N VAL E 141 -14.74 -9.06 -38.83
CA VAL E 141 -13.86 -10.20 -38.78
C VAL E 141 -12.51 -9.89 -39.42
N ILE E 142 -12.52 -9.24 -40.59
CA ILE E 142 -11.25 -9.00 -41.27
C ILE E 142 -10.43 -7.94 -40.54
N SER E 143 -11.09 -6.91 -40.02
CA SER E 143 -10.38 -5.92 -39.22
C SER E 143 -9.80 -6.55 -37.96
N ILE E 144 -10.58 -7.41 -37.30
CA ILE E 144 -10.07 -8.09 -36.11
C ILE E 144 -8.85 -8.93 -36.47
N ASP E 145 -8.92 -9.66 -37.59
CA ASP E 145 -7.82 -10.51 -38.01
C ASP E 145 -6.54 -9.69 -38.20
N TYR E 146 -6.59 -8.65 -39.04
CA TYR E 146 -5.39 -7.87 -39.33
C TYR E 146 -4.91 -7.12 -38.10
N TYR E 147 -5.81 -6.37 -37.45
CA TYR E 147 -5.51 -5.67 -36.22
C TYR E 147 -4.84 -6.57 -35.20
N ASN E 148 -5.33 -7.81 -35.07
CA ASN E 148 -4.87 -8.69 -34.01
C ASN E 148 -3.54 -9.33 -34.35
N MET E 149 -3.34 -9.73 -35.61
CA MET E 149 -2.01 -10.14 -36.03
C MET E 149 -0.99 -9.06 -35.72
N PHE E 150 -1.30 -7.82 -36.09
CA PHE E 150 -0.34 -6.75 -35.90
C PHE E 150 -0.09 -6.46 -34.43
N THR E 151 -1.14 -6.44 -33.60
CA THR E 151 -0.92 -6.12 -32.19
C THR E 151 -0.25 -7.27 -31.44
N SER E 152 -0.52 -8.52 -31.83
CA SER E 152 0.17 -9.65 -31.21
C SER E 152 1.65 -9.63 -31.56
N ILE E 153 1.98 -9.39 -32.83
CA ILE E 153 3.39 -9.33 -33.20
C ILE E 153 4.07 -8.14 -32.52
N PHE E 154 3.35 -7.02 -32.40
CA PHE E 154 3.95 -5.84 -31.77
C PHE E 154 4.15 -6.04 -30.27
N THR E 155 3.25 -6.76 -29.61
CA THR E 155 3.48 -7.04 -28.20
C THR E 155 4.56 -8.09 -28.00
N LEU E 156 4.76 -8.99 -28.98
CA LEU E 156 5.92 -9.87 -28.93
C LEU E 156 7.21 -9.07 -29.00
N CYS E 157 7.32 -8.16 -29.97
CA CYS E 157 8.50 -7.30 -30.03
C CYS E 157 8.63 -6.43 -28.80
N THR E 158 7.50 -6.01 -28.21
CA THR E 158 7.56 -5.21 -27.00
C THR E 158 8.11 -5.99 -25.82
N MET E 159 7.68 -7.25 -25.66
CA MET E 159 8.23 -8.08 -24.61
C MET E 159 9.71 -8.37 -24.85
N SER E 160 10.09 -8.55 -26.12
CA SER E 160 11.50 -8.77 -26.42
C SER E 160 12.35 -7.57 -26.05
N VAL E 161 11.91 -6.37 -26.44
CA VAL E 161 12.64 -5.15 -26.09
C VAL E 161 12.61 -4.91 -24.58
N ASP E 162 11.52 -5.29 -23.92
CA ASP E 162 11.45 -5.18 -22.46
C ASP E 162 12.52 -6.02 -21.81
N ARG E 163 12.65 -7.29 -22.23
CA ARG E 163 13.68 -8.16 -21.66
C ARG E 163 15.07 -7.66 -22.01
N TYR E 164 15.27 -7.15 -23.23
CA TYR E 164 16.56 -6.63 -23.61
C TYR E 164 16.96 -5.45 -22.74
N ILE E 165 16.03 -4.53 -22.51
CA ILE E 165 16.31 -3.39 -21.65
C ILE E 165 16.53 -3.83 -20.21
N ALA E 166 15.81 -4.86 -19.77
CA ALA E 166 15.94 -5.32 -18.40
C ALA E 166 17.27 -5.99 -18.13
N VAL E 167 17.86 -6.63 -19.14
CA VAL E 167 19.08 -7.39 -18.92
C VAL E 167 20.31 -6.60 -19.33
N CYS E 168 20.21 -5.82 -20.39
CA CYS E 168 21.37 -5.09 -20.91
C CYS E 168 21.46 -3.65 -20.41
N HIS E 169 20.36 -3.07 -19.92
CA HIS E 169 20.34 -1.71 -19.39
C HIS E 169 19.59 -1.69 -18.07
N PRO E 170 20.17 -2.23 -17.01
CA PRO E 170 19.45 -2.37 -15.75
C PRO E 170 19.10 -1.02 -15.12
N VAL E 171 20.10 -0.13 -15.03
CA VAL E 171 19.88 1.16 -14.39
C VAL E 171 18.92 2.02 -15.17
N LYS E 172 18.74 1.76 -16.47
CA LYS E 172 17.74 2.45 -17.28
C LYS E 172 16.45 1.66 -17.39
N ALA E 173 16.47 0.36 -17.10
CA ALA E 173 15.24 -0.41 -16.99
C ALA E 173 14.53 -0.17 -15.67
N LEU E 174 15.24 0.37 -14.67
CA LEU E 174 14.60 0.73 -13.41
C LEU E 174 13.58 1.85 -13.59
N ASP E 175 13.69 2.65 -14.65
CA ASP E 175 12.78 3.76 -14.89
C ASP E 175 11.70 3.46 -15.91
N PHE E 176 11.95 2.55 -16.86
CA PHE E 176 11.01 2.28 -17.93
C PHE E 176 10.13 1.07 -17.68
N ARG E 177 10.51 0.18 -16.77
CA ARG E 177 9.76 -1.05 -16.53
C ARG E 177 8.88 -0.87 -15.29
N THR E 178 7.80 -0.11 -15.47
CA THR E 178 6.78 0.11 -14.46
C THR E 178 5.43 -0.33 -14.99
N PRO E 179 4.51 -0.77 -14.12
CA PRO E 179 3.18 -1.17 -14.61
C PRO E 179 2.45 -0.06 -15.34
N ARG E 180 2.61 1.19 -14.91
CA ARG E 180 2.02 2.30 -15.64
C ARG E 180 2.63 2.44 -17.03
N ASN E 181 3.96 2.39 -17.11
CA ASN E 181 4.61 2.39 -18.41
C ASN E 181 4.24 1.15 -19.22
N ALA E 182 4.00 0.02 -18.56
CA ALA E 182 3.57 -1.18 -19.26
C ALA E 182 2.23 -0.95 -19.94
N LYS E 183 1.26 -0.38 -19.21
CA LYS E 183 -0.03 -0.09 -19.81
C LYS E 183 0.07 0.99 -20.89
N ILE E 184 0.98 1.94 -20.71
CA ILE E 184 1.19 2.98 -21.71
C ILE E 184 1.66 2.36 -23.03
N VAL E 185 2.69 1.51 -22.95
CA VAL E 185 3.17 0.86 -24.17
C VAL E 185 2.11 -0.09 -24.72
N ASN E 186 1.29 -0.69 -23.85
CA ASN E 186 0.22 -1.55 -24.32
C ASN E 186 -0.76 -0.77 -25.20
N VAL E 187 -1.28 0.35 -24.68
CA VAL E 187 -2.24 1.12 -25.47
C VAL E 187 -1.57 1.75 -26.67
N CYS E 188 -0.28 2.06 -26.59
CA CYS E 188 0.43 2.56 -27.76
C CYS E 188 0.48 1.51 -28.87
N ASN E 189 0.77 0.26 -28.51
CA ASN E 189 0.77 -0.81 -29.50
C ASN E 189 -0.63 -1.04 -30.05
N TRP E 190 -1.65 -0.94 -29.19
CA TRP E 190 -3.01 -1.15 -29.66
C TRP E 190 -3.41 -0.09 -30.68
N ILE E 191 -3.09 1.19 -30.43
CA ILE E 191 -3.47 2.21 -31.40
C ILE E 191 -2.58 2.14 -32.65
N LEU E 192 -1.30 1.76 -32.49
CA LEU E 192 -0.43 1.65 -33.65
C LEU E 192 -0.88 0.53 -34.57
N SER E 193 -1.40 -0.56 -34.01
CA SER E 193 -1.98 -1.62 -34.82
C SER E 193 -3.37 -1.24 -35.33
N SER E 194 -4.09 -0.38 -34.61
CA SER E 194 -5.35 0.12 -35.13
C SER E 194 -5.13 0.98 -36.37
N ALA E 195 -3.98 1.64 -36.45
CA ALA E 195 -3.61 2.39 -37.65
C ALA E 195 -3.67 1.52 -38.92
N ILE E 196 -3.57 0.20 -38.77
CA ILE E 196 -3.76 -0.71 -39.89
C ILE E 196 -5.10 -1.44 -39.82
N GLY E 197 -5.64 -1.67 -38.62
CA GLY E 197 -6.91 -2.35 -38.50
C GLY E 197 -8.11 -1.53 -38.94
N LEU E 198 -7.99 -0.21 -38.95
CA LEU E 198 -9.10 0.67 -39.34
C LEU E 198 -9.23 0.78 -40.85
N PRO E 199 -8.15 1.01 -41.61
CA PRO E 199 -8.30 1.06 -43.07
C PRO E 199 -8.84 -0.24 -43.66
N VAL E 200 -8.39 -1.39 -43.16
CA VAL E 200 -8.90 -2.66 -43.66
C VAL E 200 -10.36 -2.84 -43.26
N MET E 201 -10.78 -2.23 -42.15
CA MET E 201 -12.21 -2.18 -41.84
C MET E 201 -12.96 -1.33 -42.85
N PHE E 202 -12.33 -0.24 -43.32
CA PHE E 202 -13.01 0.66 -44.25
C PHE E 202 -13.10 0.08 -45.65
N MET E 203 -12.10 -0.70 -46.09
CA MET E 203 -12.08 -1.22 -47.44
C MET E 203 -12.51 -2.68 -47.53
N ALA E 204 -13.30 -3.15 -46.57
CA ALA E 204 -13.83 -4.50 -46.59
C ALA E 204 -15.30 -4.49 -47.01
N THR E 205 -15.64 -5.35 -47.97
CA THR E 205 -17.00 -5.43 -48.50
C THR E 205 -17.31 -6.89 -48.77
N THR E 206 -18.55 -7.15 -49.21
CA THR E 206 -19.02 -8.49 -49.53
C THR E 206 -19.24 -8.54 -51.05
N LYS E 207 -18.18 -8.87 -51.78
CA LYS E 207 -18.26 -8.95 -53.23
C LYS E 207 -19.04 -10.19 -53.65
N TYR E 208 -19.49 -10.17 -54.91
CA TYR E 208 -20.26 -11.28 -55.48
C TYR E 208 -19.46 -11.87 -56.63
N ARG E 209 -19.12 -13.14 -56.52
CA ARG E 209 -18.35 -13.83 -57.55
C ARG E 209 -19.29 -14.37 -58.61
N GLN E 210 -18.77 -15.22 -59.51
CA GLN E 210 -19.58 -15.76 -60.60
C GLN E 210 -20.72 -16.61 -60.06
N GLY E 211 -20.39 -17.63 -59.28
CA GLY E 211 -21.40 -18.53 -58.75
C GLY E 211 -21.35 -18.66 -57.24
N SER E 212 -20.73 -17.68 -56.58
CA SER E 212 -20.62 -17.69 -55.13
C SER E 212 -20.49 -16.26 -54.63
N ILE E 213 -20.47 -16.11 -53.31
CA ILE E 213 -20.31 -14.82 -52.66
C ILE E 213 -19.05 -14.90 -51.79
N ASP E 214 -18.43 -13.75 -51.58
CA ASP E 214 -17.13 -13.72 -50.91
C ASP E 214 -16.98 -12.40 -50.17
N CYS E 215 -16.17 -12.42 -49.11
CA CYS E 215 -15.84 -11.24 -48.31
C CYS E 215 -14.33 -11.02 -48.42
N THR E 216 -13.95 -9.94 -49.11
CA THR E 216 -12.54 -9.64 -49.35
C THR E 216 -12.36 -8.13 -49.28
N LEU E 217 -11.20 -7.67 -49.73
CA LEU E 217 -10.86 -6.26 -49.78
C LEU E 217 -10.94 -5.74 -51.20
N THR E 218 -11.14 -4.42 -51.33
CA THR E 218 -11.21 -3.74 -52.61
C THR E 218 -10.31 -2.53 -52.57
N PHE E 219 -9.64 -2.26 -53.69
CA PHE E 219 -8.72 -1.14 -53.80
C PHE E 219 -9.04 -0.33 -55.04
N SER E 220 -8.38 0.82 -55.18
CA SER E 220 -8.60 1.72 -56.29
C SER E 220 -7.67 1.36 -57.45
N HIS E 221 -7.82 2.09 -58.56
CA HIS E 221 -7.01 1.88 -59.74
C HIS E 221 -5.81 2.82 -59.74
N PRO E 222 -4.61 2.34 -60.10
CA PRO E 222 -4.36 0.93 -60.44
C PRO E 222 -4.13 0.06 -59.22
N THR E 223 -4.52 -1.21 -59.31
CA THR E 223 -4.30 -2.14 -58.20
C THR E 223 -2.84 -2.57 -58.10
N TRP E 224 -2.08 -2.50 -59.20
CA TRP E 224 -0.69 -2.93 -59.20
C TRP E 224 0.18 -2.09 -58.27
N TYR E 225 -0.31 -0.95 -57.79
CA TYR E 225 0.44 -0.11 -56.87
C TYR E 225 -0.32 0.17 -55.58
N TRP E 226 -1.44 -0.50 -55.36
CA TRP E 226 -2.22 -0.32 -54.14
C TRP E 226 -2.53 -1.62 -53.42
N GLU E 227 -2.79 -2.70 -54.17
CA GLU E 227 -3.09 -3.98 -53.54
C GLU E 227 -1.81 -4.65 -53.02
N ASN E 228 -0.72 -4.55 -53.78
CA ASN E 228 0.55 -5.08 -53.30
C ASN E 228 1.14 -4.22 -52.18
N LEU E 229 0.65 -2.99 -52.02
CA LEU E 229 1.12 -2.15 -50.92
C LEU E 229 0.79 -2.78 -49.57
N LEU E 230 -0.41 -3.35 -49.44
CA LEU E 230 -0.79 -3.98 -48.18
C LEU E 230 0.11 -5.18 -47.88
N LYS E 231 0.40 -6.00 -48.90
CA LYS E 231 1.25 -7.16 -48.68
C LYS E 231 2.68 -6.74 -48.34
N ILE E 232 3.18 -5.69 -48.99
CA ILE E 232 4.52 -5.21 -48.68
C ILE E 232 4.59 -4.66 -47.26
N CYS E 233 3.55 -3.92 -46.86
CA CYS E 233 3.52 -3.38 -45.50
C CYS E 233 3.43 -4.51 -44.46
N VAL E 234 2.66 -5.55 -44.76
CA VAL E 234 2.58 -6.68 -43.85
C VAL E 234 3.92 -7.40 -43.76
N PHE E 235 4.59 -7.57 -44.91
CA PHE E 235 5.87 -8.28 -44.91
C PHE E 235 6.95 -7.48 -44.17
N ILE E 236 6.92 -6.16 -44.29
CA ILE E 236 7.98 -5.35 -43.69
C ILE E 236 7.72 -5.11 -42.21
N PHE E 237 6.49 -4.72 -41.87
CA PHE E 237 6.16 -4.29 -40.51
C PHE E 237 5.65 -5.41 -39.63
N ALA E 238 5.45 -6.61 -40.16
CA ALA E 238 5.00 -7.73 -39.35
C ALA E 238 5.88 -8.97 -39.45
N PHE E 239 6.82 -9.03 -40.40
CA PHE E 239 7.75 -10.15 -40.44
C PHE E 239 9.21 -9.74 -40.42
N ILE E 240 9.60 -8.72 -41.18
CA ILE E 240 11.01 -8.35 -41.28
C ILE E 240 11.44 -7.56 -40.05
N MET E 241 10.78 -6.43 -39.78
CA MET E 241 11.05 -5.68 -38.57
C MET E 241 10.91 -6.51 -37.30
N PRO E 242 9.84 -7.32 -37.11
CA PRO E 242 9.75 -8.10 -35.87
C PRO E 242 10.83 -9.15 -35.73
N VAL E 243 11.06 -9.95 -36.77
CA VAL E 243 12.12 -10.96 -36.70
C VAL E 243 13.45 -10.30 -36.36
N LEU E 244 13.77 -9.22 -37.08
CA LEU E 244 15.04 -8.53 -36.86
C LEU E 244 15.15 -8.00 -35.43
N ILE E 245 14.10 -7.34 -34.96
CA ILE E 245 14.19 -6.70 -33.65
C ILE E 245 14.27 -7.75 -32.54
N ILE E 246 13.48 -8.82 -32.63
CA ILE E 246 13.50 -9.80 -31.56
C ILE E 246 14.81 -10.58 -31.58
N THR E 247 15.35 -10.89 -32.76
CA THR E 247 16.61 -11.63 -32.75
C THR E 247 17.76 -10.75 -32.31
N VAL E 248 17.74 -9.45 -32.62
CA VAL E 248 18.79 -8.56 -32.16
C VAL E 248 18.73 -8.41 -30.65
N CYS E 249 17.55 -8.12 -30.12
CA CYS E 249 17.42 -7.95 -28.67
C CYS E 249 17.78 -9.23 -27.92
N TYR E 250 17.34 -10.39 -28.43
CA TYR E 250 17.61 -11.63 -27.72
C TYR E 250 19.07 -12.07 -27.86
N GLY E 251 19.69 -11.82 -29.02
CA GLY E 251 21.11 -12.08 -29.15
C GLY E 251 21.94 -11.23 -28.22
N LEU E 252 21.63 -9.94 -28.13
CA LEU E 252 22.35 -9.08 -27.20
C LEU E 252 22.10 -9.48 -25.76
N MET E 253 20.86 -9.89 -25.44
CA MET E 253 20.56 -10.33 -24.09
C MET E 253 21.35 -11.58 -23.71
N ILE E 254 21.47 -12.53 -24.64
CA ILE E 254 22.23 -13.75 -24.34
C ILE E 254 23.72 -13.43 -24.27
N LEU E 255 24.20 -12.53 -25.13
CA LEU E 255 25.61 -12.13 -25.06
C LEU E 255 25.93 -11.49 -23.71
N ARG E 256 24.99 -10.72 -23.16
CA ARG E 256 25.22 -10.14 -21.84
C ARG E 256 25.10 -11.17 -20.74
N LEU E 257 24.10 -12.05 -20.84
CA LEU E 257 23.91 -13.10 -19.83
C LEU E 257 25.07 -14.07 -19.79
N LYS E 258 25.84 -14.19 -20.87
CA LYS E 258 27.00 -15.05 -20.87
C LYS E 258 28.10 -14.58 -19.93
N SER E 259 27.99 -13.38 -19.36
CA SER E 259 29.06 -12.80 -18.56
C SER E 259 28.56 -12.21 -17.25
N VAL E 260 27.54 -12.82 -16.65
CA VAL E 260 27.08 -12.43 -15.31
C VAL E 260 27.55 -13.48 -14.33
N ARG E 261 27.98 -13.04 -13.15
CA ARG E 261 28.52 -13.95 -12.15
C ARG E 261 27.46 -14.91 -11.63
N MET E 262 26.17 -14.56 -11.75
CA MET E 262 25.11 -15.43 -11.25
C MET E 262 24.90 -16.67 -12.11
N LEU E 263 25.55 -16.76 -13.28
CA LEU E 263 25.31 -17.87 -14.19
C LEU E 263 26.59 -18.42 -14.82
N SER E 264 27.75 -18.24 -14.18
CA SER E 264 29.01 -18.62 -14.81
C SER E 264 29.90 -19.49 -13.93
N GLY E 265 29.75 -19.38 -12.62
CA GLY E 265 30.66 -20.03 -11.71
C GLY E 265 30.50 -21.54 -11.56
N SER E 266 29.36 -21.97 -11.02
CA SER E 266 29.17 -23.36 -10.65
C SER E 266 28.50 -24.13 -11.79
N LYS E 267 28.05 -25.36 -11.48
CA LYS E 267 27.37 -26.18 -12.48
C LYS E 267 25.88 -25.86 -12.54
N GLU E 268 25.25 -25.66 -11.38
CA GLU E 268 23.82 -25.32 -11.36
C GLU E 268 23.58 -23.95 -12.03
N LYS E 269 24.48 -23.00 -11.81
CA LYS E 269 24.34 -21.70 -12.44
C LYS E 269 24.51 -21.81 -13.95
N ASP E 270 25.45 -22.64 -14.41
CA ASP E 270 25.57 -22.89 -15.84
C ASP E 270 24.35 -23.63 -16.37
N ARG E 271 23.73 -24.47 -15.55
CA ARG E 271 22.46 -25.09 -15.95
C ARG E 271 21.37 -24.06 -16.15
N ASN E 272 21.31 -23.06 -15.26
CA ASN E 272 20.33 -21.99 -15.41
C ASN E 272 20.59 -21.17 -16.67
N LEU E 273 21.87 -20.84 -16.92
CA LEU E 273 22.19 -20.11 -18.13
C LEU E 273 21.81 -20.92 -19.38
N ARG E 274 22.09 -22.23 -19.35
CA ARG E 274 21.75 -23.08 -20.49
C ARG E 274 20.24 -23.13 -20.70
N ARG E 275 19.47 -23.23 -19.63
CA ARG E 275 18.01 -23.31 -19.80
C ARG E 275 17.44 -21.97 -20.29
N ILE E 276 18.02 -20.85 -19.85
CA ILE E 276 17.57 -19.56 -20.34
C ILE E 276 17.88 -19.41 -21.82
N THR E 277 19.10 -19.77 -22.22
CA THR E 277 19.47 -19.70 -23.63
C THR E 277 18.60 -20.62 -24.47
N ARG E 278 18.30 -21.81 -23.96
CA ARG E 278 17.44 -22.74 -24.68
C ARG E 278 16.03 -22.17 -24.83
N MET E 279 15.50 -21.54 -23.78
CA MET E 279 14.17 -20.94 -23.88
C MET E 279 14.15 -19.83 -24.92
N VAL E 280 15.16 -18.97 -24.92
CA VAL E 280 15.20 -17.87 -25.89
C VAL E 280 15.30 -18.42 -27.31
N LEU E 281 16.18 -19.39 -27.52
CA LEU E 281 16.32 -19.99 -28.84
C LEU E 281 15.02 -20.66 -29.28
N VAL E 282 14.32 -21.30 -28.36
CA VAL E 282 13.08 -21.98 -28.70
C VAL E 282 12.01 -20.97 -29.11
N VAL E 283 11.87 -19.87 -28.37
CA VAL E 283 10.82 -18.92 -28.73
C VAL E 283 11.14 -18.23 -30.05
N VAL E 284 12.41 -17.88 -30.29
CA VAL E 284 12.75 -17.25 -31.56
C VAL E 284 12.57 -18.24 -32.71
N ALA E 285 12.94 -19.51 -32.50
CA ALA E 285 12.79 -20.49 -33.57
C ALA E 285 11.33 -20.78 -33.85
N VAL E 286 10.48 -20.77 -32.82
CA VAL E 286 9.06 -20.95 -33.03
C VAL E 286 8.48 -19.80 -33.84
N PHE E 287 8.84 -18.57 -33.48
CA PHE E 287 8.40 -17.41 -34.26
C PHE E 287 8.81 -17.55 -35.72
N ILE E 288 10.09 -17.85 -35.96
CA ILE E 288 10.59 -17.89 -37.33
C ILE E 288 9.96 -19.03 -38.11
N VAL E 289 9.80 -20.20 -37.49
CA VAL E 289 9.24 -21.35 -38.19
C VAL E 289 7.76 -21.16 -38.46
N CYS E 290 7.05 -20.43 -37.60
CA CYS E 290 5.62 -20.30 -37.76
C CYS E 290 5.24 -19.16 -38.70
N TRP E 291 6.00 -18.06 -38.71
CA TRP E 291 5.61 -16.90 -39.49
C TRP E 291 6.24 -16.84 -40.87
N THR E 292 7.38 -17.46 -41.07
CA THR E 292 8.09 -17.35 -42.35
C THR E 292 7.38 -18.06 -43.51
N PRO E 293 6.87 -19.29 -43.33
CA PRO E 293 6.25 -19.97 -44.49
C PRO E 293 5.15 -19.18 -45.17
N ILE E 294 4.22 -18.61 -44.39
CA ILE E 294 3.09 -17.91 -45.00
C ILE E 294 3.55 -16.64 -45.69
N HIS E 295 4.55 -15.95 -45.15
CA HIS E 295 5.02 -14.71 -45.76
C HIS E 295 5.73 -14.97 -47.08
N ILE E 296 6.67 -15.92 -47.09
CA ILE E 296 7.32 -16.30 -48.34
C ILE E 296 6.30 -16.82 -49.33
N TYR E 297 5.27 -17.54 -48.84
CA TYR E 297 4.25 -18.08 -49.72
C TYR E 297 3.46 -16.97 -50.39
N VAL E 298 3.02 -15.98 -49.62
CA VAL E 298 2.24 -14.90 -50.22
C VAL E 298 3.12 -14.04 -51.13
N ILE E 299 4.41 -13.92 -50.82
CA ILE E 299 5.32 -13.19 -51.70
C ILE E 299 5.43 -13.91 -53.04
N ILE E 300 5.62 -15.22 -53.00
CA ILE E 300 5.74 -16.00 -54.23
C ILE E 300 4.43 -15.93 -55.03
N LYS E 301 3.30 -16.04 -54.35
CA LYS E 301 2.01 -16.01 -55.03
C LYS E 301 1.73 -14.64 -55.66
N ALA E 302 2.21 -13.57 -55.03
CA ALA E 302 2.05 -12.24 -55.61
C ALA E 302 3.04 -11.99 -56.73
N LEU E 303 4.18 -12.68 -56.72
CA LEU E 303 5.20 -12.50 -57.74
C LEU E 303 5.12 -13.53 -58.85
N ILE E 304 4.68 -14.75 -58.56
CA ILE E 304 4.58 -15.82 -59.55
C ILE E 304 3.16 -16.37 -59.52
N THR E 305 2.57 -16.55 -60.71
CA THR E 305 1.21 -17.09 -60.82
C THR E 305 1.28 -18.61 -60.89
N ILE E 306 1.48 -19.20 -59.71
CA ILE E 306 1.58 -20.67 -59.61
C ILE E 306 0.25 -21.30 -60.05
N PRO E 307 0.27 -22.38 -60.82
CA PRO E 307 -0.99 -23.01 -61.23
C PRO E 307 -1.72 -23.61 -60.05
N GLU E 308 -2.97 -23.20 -59.86
CA GLU E 308 -3.76 -23.70 -58.75
C GLU E 308 -4.13 -25.16 -58.98
N THR E 309 -3.68 -26.04 -58.08
CA THR E 309 -3.98 -27.45 -58.18
C THR E 309 -4.44 -27.99 -56.83
N THR E 310 -4.59 -29.32 -56.73
CA THR E 310 -5.01 -29.91 -55.47
C THR E 310 -3.94 -29.77 -54.39
N PHE E 311 -2.69 -29.50 -54.77
CA PHE E 311 -1.61 -29.34 -53.81
C PHE E 311 -1.44 -27.89 -53.35
N GLN E 312 -1.65 -26.93 -54.24
CA GLN E 312 -1.45 -25.53 -53.88
C GLN E 312 -2.42 -25.09 -52.80
N THR E 313 -3.69 -25.49 -52.91
CA THR E 313 -4.69 -25.09 -51.91
C THR E 313 -4.36 -25.65 -50.53
N VAL E 314 -4.02 -26.94 -50.47
CA VAL E 314 -3.75 -27.55 -49.17
C VAL E 314 -2.46 -27.00 -48.58
N SER E 315 -1.46 -26.72 -49.42
CA SER E 315 -0.23 -26.12 -48.91
C SER E 315 -0.49 -24.71 -48.37
N TRP E 316 -1.29 -23.92 -49.09
CA TRP E 316 -1.62 -22.57 -48.65
C TRP E 316 -2.36 -22.59 -47.33
N HIS E 317 -3.34 -23.47 -47.19
CA HIS E 317 -4.11 -23.50 -45.95
C HIS E 317 -3.30 -24.08 -44.79
N PHE E 318 -2.42 -25.04 -45.07
CA PHE E 318 -1.52 -25.53 -44.03
C PHE E 318 -0.56 -24.44 -43.59
N CYS E 319 -0.11 -23.59 -44.51
CA CYS E 319 0.78 -22.50 -44.13
C CYS E 319 0.03 -21.45 -43.31
N ILE E 320 -1.24 -21.20 -43.63
CA ILE E 320 -2.02 -20.28 -42.80
C ILE E 320 -2.24 -20.87 -41.41
N ALA E 321 -2.49 -22.17 -41.32
CA ALA E 321 -2.59 -22.83 -40.03
C ALA E 321 -1.27 -22.75 -39.26
N LEU E 322 -0.15 -22.86 -39.98
CA LEU E 322 1.16 -22.72 -39.35
C LEU E 322 1.42 -21.29 -38.90
N GLY E 323 0.77 -20.32 -39.56
CA GLY E 323 0.85 -18.95 -39.08
C GLY E 323 0.02 -18.69 -37.85
N TYR E 324 -1.13 -19.38 -37.74
CA TYR E 324 -1.99 -19.19 -36.57
C TYR E 324 -1.56 -20.04 -35.38
N THR E 325 -0.83 -21.13 -35.60
CA THR E 325 -0.40 -21.93 -34.47
C THR E 325 0.64 -21.21 -33.62
N ASN E 326 1.27 -20.15 -34.14
CA ASN E 326 2.12 -19.33 -33.28
C ASN E 326 1.27 -18.57 -32.26
N SER E 327 0.17 -17.97 -32.71
CA SER E 327 -0.75 -17.35 -31.77
C SER E 327 -1.34 -18.37 -30.82
N CYS E 328 -1.49 -19.62 -31.28
CA CYS E 328 -2.01 -20.66 -30.41
C CYS E 328 -0.97 -21.13 -29.39
N LEU E 329 0.32 -21.08 -29.75
CA LEU E 329 1.40 -21.64 -28.96
C LEU E 329 2.06 -20.63 -28.03
N ASN E 330 1.88 -19.34 -28.28
CA ASN E 330 2.47 -18.29 -27.43
C ASN E 330 2.21 -18.47 -25.95
N PRO E 331 1.05 -19.00 -25.52
CA PRO E 331 0.89 -19.28 -24.08
C PRO E 331 1.90 -20.28 -23.54
N VAL E 332 2.24 -21.31 -24.33
CA VAL E 332 3.20 -22.30 -23.88
C VAL E 332 4.57 -21.68 -23.70
N LEU E 333 4.98 -20.80 -24.60
CA LEU E 333 6.32 -20.23 -24.55
C LEU E 333 6.42 -19.08 -23.57
N TYR E 334 5.33 -18.35 -23.34
CA TYR E 334 5.39 -17.15 -22.53
C TYR E 334 4.66 -17.25 -21.19
N ALA E 335 3.70 -18.17 -21.06
CA ALA E 335 2.94 -18.31 -19.81
C ALA E 335 3.16 -19.64 -19.13
N PHE E 336 2.93 -20.77 -19.82
CA PHE E 336 2.95 -22.05 -19.14
C PHE E 336 4.35 -22.50 -18.76
N LEU E 337 5.38 -22.01 -19.46
CA LEU E 337 6.76 -22.23 -19.06
C LEU E 337 7.41 -20.94 -18.57
N ASP E 338 6.62 -20.08 -17.94
CA ASP E 338 7.10 -18.87 -17.29
C ASP E 338 7.31 -19.17 -15.82
N GLU E 339 8.48 -18.81 -15.29
CA GLU E 339 8.89 -19.30 -13.98
C GLU E 339 8.01 -18.76 -12.86
N ASN E 340 7.71 -17.46 -12.87
CA ASN E 340 6.85 -16.91 -11.83
C ASN E 340 5.37 -17.11 -12.15
N PHE E 341 5.07 -17.86 -13.21
CA PHE E 341 3.71 -18.25 -13.55
C PHE E 341 3.35 -19.65 -13.08
N LYS E 342 4.35 -20.51 -12.85
CA LYS E 342 4.10 -21.85 -12.33
C LYS E 342 3.94 -21.81 -10.81
N ARG E 343 3.04 -20.96 -10.33
CA ARG E 343 2.84 -20.80 -8.89
C ARG E 343 1.42 -20.34 -8.59
C01 EID F . 1.05 -12.69 -44.10
C02 EID F . -0.06 -12.82 -43.05
C03 EID F . -1.40 -12.84 -43.77
C06 EID F . -2.29 -14.22 -41.91
C07 EID F . -1.84 -15.54 -41.89
C08 EID F . -1.61 -16.17 -40.69
C09 EID F . -1.82 -15.50 -39.51
C10 EID F . -2.26 -14.20 -39.49
C11 EID F . -2.49 -13.55 -40.70
C12 EID F . -3.86 -13.60 -43.85
C13 EID F . -4.78 -14.50 -43.12
C14 EID F . -6.11 -14.67 -43.78
C16 EID F . -8.06 -13.52 -44.28
C17 EID F . -9.11 -12.88 -43.37
C18 EID F . -10.49 -13.47 -43.68
C19 EID F . -11.56 -13.24 -42.81
C20 EID F . -12.80 -13.78 -43.08
C21 EID F . -12.99 -14.56 -44.21
C22 EID F . -11.94 -14.80 -45.08
C23 EID F . -10.68 -14.25 -44.81
C24 EID F . -5.98 -12.35 -44.45
C25 EID F . -4.51 -12.22 -43.91
C26 EID F . -4.53 -11.59 -42.55
C27 EID F . -3.67 -14.14 -45.27
C30 EID F . -3.12 -13.80 -47.53
N05 EID F . -2.53 -13.55 -43.17
N15 EID F . -6.76 -13.39 -43.69
O04 EID F . -1.51 -12.27 -44.80
O28 EID F . -3.51 -15.30 -45.45
O29 EID F . -3.66 -13.26 -46.35
#